data_5NGB
#
_entry.id   5NGB
#
_cell.length_a   63.437
_cell.length_b   143.586
_cell.length_c   220.193
_cell.angle_alpha   90.00
_cell.angle_beta   90.00
_cell.angle_gamma   90.00
#
_symmetry.space_group_name_H-M   'C 2 2 21'
#
loop_
_entity.id
_entity.type
_entity.pdbx_description
1 polymer 'Phosphatidylinositol 4,5-bisphosphate 3-kinase catalytic subunit delta isoform'
2 non-polymer '3-[[4-(2-morpholin-4-yl-4-oxidanylidene-3~{H}-quinolin-8-yl)-1,2,3-triazol-1-yl]methyl]benzoic acid'
#
_entity_poly.entity_id   1
_entity_poly.type   'polypeptide(L)'
_entity_poly.pdbx_seq_one_letter_code
;MSYYHHHHHHDYDIPTTENLYFQGAMDLMPPGVDCPMEFWTKEESQSVVVDFLLPTGVYLNFPVSRNANLSTIKQVLWHR
AQYEPLFHMLSDPEAYVFTCVNQTAEQQELEDEQRRLCDIQPFLPVLRLVAREENLYFQGGDRVKKLINSQISLLIGKGL
HEFDSLRDPEVNDFRTKMRQFCEEAAAHRQQLGWVEWLQYSFPLQLEPSARGWRAGLLRVSNRALLVNVKFEGSEESFTF
QVSTKDMPLALMACALRKKATVFRQPLVEQPEEYALQVNGRHEYLYGNYPLCHFQYICSCLHSGLTPHLTMVHSSSILAM
RDEQSNPAPQVQKPRAKPPPIPAKKPSSVSLWSLEQPFSIELIEGRKVNADERMKLVVQAGLFHGNEMLCKTVSSSEVNV
CSEPVWKQRLEFDISVCDLPRMARLCFALYAVVEKAKKARSTKKKSKKADCPIAWANLMLFDYKDQLKTGERCLYMWPSV
PDEKGELLNPAGTVRGNPNTESAAALVIYLPEVAPHPVYFPALEKILELGRHGERGRITEEEQLQLREILERRGSGELYE
HEKDLVWKMRHEVQEHFPEALARLLLVTKWNKHEDVAQMLYLLCSWPELPVLSALELLDFSFPDCYVGSFAIKSLRKLTD
DELFQYLLQLVQVLKYESYLDCELTKFLLGRALANRKIGHFLFWHLRSEMHVPSVALRFGLIMEAYCRGSTHHMKVLMKQ
GEALSKLKALNDFVKVSSQKTTKPQTKEMMHMCMRQETYMEALSHLQSPLDPSTLLEEVCVEQCTFMDSKMKPLWIMYSS
EEAGSAGNVGIIFKNGDDLRQDMLTLQMIQLMDVLWKQEGLDLRMTPYGCLPTGDRTGLIEVVLHSDTIANIQLNKSNMA
ATAAFNKDALLNWLKSKNPGEALDRAIEEFTLSCAGYCVATYVLGIGDRHSDNIMIRESGQLFHIDFGHFLGNFKTKFGI
NRERVPFILTYDFVHVIQQGKTNNSEKFERFRGYCERAYTILRRHGLLFLHLFALMRAAGLPELSCSKDIQYLKDSLALG
KTEEEALKHFRVKFNEALRESWKTKVNWLAHNVSKDNRQ
;
_entity_poly.pdbx_strand_id   A
#
loop_
_chem_comp.id
_chem_comp.type
_chem_comp.name
_chem_comp.formula
8WH non-polymer '3-[[4-(2-morpholin-4-yl-4-oxidanylidene-3~{H}-quinolin-8-yl)-1,2,3-triazol-1-yl]methyl]benzoic acid' 'C23 H21 N5 O4'
#
# COMPACT_ATOMS: atom_id res chain seq x y z
N VAL A 144 -12.01 -5.08 -32.81
CA VAL A 144 -10.67 -4.76 -33.38
C VAL A 144 -9.71 -4.43 -32.21
N LYS A 145 -8.96 -3.35 -32.31
CA LYS A 145 -8.27 -2.75 -31.22
C LYS A 145 -9.24 -1.78 -30.63
N LYS A 146 -10.28 -1.48 -31.40
CA LYS A 146 -11.42 -0.79 -30.89
C LYS A 146 -11.92 -1.44 -29.61
N LEU A 147 -12.12 -2.75 -29.64
CA LEU A 147 -12.68 -3.47 -28.48
C LEU A 147 -11.78 -3.29 -27.25
N ILE A 148 -10.46 -3.43 -27.44
CA ILE A 148 -9.47 -3.29 -26.37
C ILE A 148 -9.56 -1.91 -25.75
N ASN A 149 -9.70 -0.90 -26.59
CA ASN A 149 -9.73 0.46 -26.12
C ASN A 149 -10.96 0.69 -25.26
N SER A 150 -12.08 0.12 -25.67
CA SER A 150 -13.29 0.26 -24.91
C SER A 150 -13.26 -0.62 -23.65
N GLN A 151 -12.39 -1.63 -23.65
CA GLN A 151 -12.27 -2.48 -22.51
C GLN A 151 -11.46 -1.79 -21.42
N ILE A 152 -10.43 -1.08 -21.83
CA ILE A 152 -9.59 -0.30 -20.93
C ILE A 152 -10.37 0.86 -20.38
N SER A 153 -11.23 1.46 -21.20
CA SER A 153 -11.97 2.63 -20.73
C SER A 153 -12.90 2.22 -19.59
N LEU A 154 -13.54 1.05 -19.73
CA LEU A 154 -14.43 0.54 -18.67
C LEU A 154 -13.63 0.15 -17.46
N LEU A 155 -12.53 -0.55 -17.69
CA LEU A 155 -11.72 -1.09 -16.63
C LEU A 155 -11.13 -0.01 -15.75
N ILE A 156 -10.60 1.04 -16.38
CA ILE A 156 -9.86 2.04 -15.63
C ILE A 156 -10.80 3.10 -15.10
N GLY A 157 -12.04 3.13 -15.57
CA GLY A 157 -13.01 4.11 -15.08
C GLY A 157 -12.87 5.49 -15.71
N LYS A 158 -12.23 5.57 -16.86
CA LYS A 158 -12.08 6.83 -17.60
C LYS A 158 -11.98 6.51 -19.06
N GLY A 159 -12.68 7.28 -19.88
CA GLY A 159 -12.60 7.10 -21.33
C GLY A 159 -11.28 7.58 -21.89
N LEU A 160 -10.67 6.80 -22.77
CA LEU A 160 -9.40 7.17 -23.39
C LEU A 160 -9.49 8.44 -24.26
N HIS A 161 -10.67 8.73 -24.78
CA HIS A 161 -10.92 10.00 -25.47
C HIS A 161 -10.66 11.22 -24.60
N GLU A 162 -10.85 11.07 -23.29
CA GLU A 162 -10.59 12.15 -22.35
C GLU A 162 -9.10 12.49 -22.28
N PHE A 163 -8.26 11.48 -22.46
CA PHE A 163 -6.86 11.74 -22.52
C PHE A 163 -6.62 12.57 -23.73
N ASP A 164 -7.04 12.05 -24.89
CA ASP A 164 -6.81 12.71 -26.16
C ASP A 164 -7.23 14.18 -26.22
N SER A 165 -8.37 14.52 -25.62
CA SER A 165 -8.93 15.88 -25.59
C SER A 165 -8.18 16.96 -24.84
N LEU A 166 -7.13 16.62 -24.13
CA LEU A 166 -6.32 17.62 -23.47
C LEU A 166 -5.34 18.20 -24.44
N ARG A 167 -4.96 17.41 -25.46
CA ARG A 167 -4.03 17.84 -26.51
C ARG A 167 -2.78 18.38 -25.83
N ASP A 168 -2.20 17.48 -25.03
CA ASP A 168 -1.03 17.70 -24.22
C ASP A 168 0.00 16.75 -24.77
N PRO A 169 1.17 17.25 -25.09
CA PRO A 169 2.26 16.40 -25.55
C PRO A 169 2.89 15.61 -24.42
N GLU A 170 2.78 16.13 -23.18
CA GLU A 170 3.30 15.44 -22.00
C GLU A 170 2.55 14.13 -21.85
N VAL A 171 1.24 14.24 -21.96
CA VAL A 171 0.38 13.13 -21.90
C VAL A 171 0.54 12.29 -23.15
N ASN A 172 0.54 12.91 -24.32
CA ASN A 172 0.69 12.14 -25.58
C ASN A 172 1.98 11.33 -25.59
N ASP A 173 3.06 11.97 -25.14
CA ASP A 173 4.36 11.31 -25.04
C ASP A 173 4.37 10.27 -23.96
N PHE A 174 3.81 10.57 -22.78
CA PHE A 174 3.73 9.56 -21.72
C PHE A 174 3.12 8.32 -22.30
N ARG A 175 1.96 8.48 -22.93
CA ARG A 175 1.20 7.35 -23.46
C ARG A 175 1.96 6.51 -24.47
N THR A 176 2.59 7.16 -25.43
CA THR A 176 3.21 6.38 -26.51
C THR A 176 4.52 5.81 -26.00
N LYS A 177 5.23 6.57 -25.18
CA LYS A 177 6.49 6.13 -24.60
C LYS A 177 6.28 4.81 -23.88
N MET A 178 5.43 4.85 -22.87
CA MET A 178 5.20 3.71 -22.03
C MET A 178 4.53 2.57 -22.77
N ARG A 179 3.47 2.84 -23.53
CA ARG A 179 2.86 1.77 -24.29
C ARG A 179 3.91 0.89 -24.97
N GLN A 180 4.94 1.49 -25.54
CA GLN A 180 5.97 0.70 -26.18
C GLN A 180 6.79 -0.06 -25.15
N PHE A 181 7.07 0.60 -24.04
CA PHE A 181 7.79 0.00 -22.94
C PHE A 181 7.07 -1.19 -22.36
N CYS A 182 5.75 -1.08 -22.29
CA CYS A 182 4.94 -2.15 -21.76
C CYS A 182 4.73 -3.25 -22.75
N GLU A 183 4.66 -2.89 -24.02
CA GLU A 183 4.47 -3.84 -25.09
C GLU A 183 5.70 -4.71 -25.30
N GLU A 184 6.88 -4.16 -25.05
CA GLU A 184 8.09 -4.93 -25.23
C GLU A 184 8.33 -5.84 -24.04
N ALA A 185 7.70 -5.52 -22.90
CA ALA A 185 7.78 -6.33 -21.68
C ALA A 185 6.90 -7.52 -21.86
N ALA A 186 5.77 -7.32 -22.53
CA ALA A 186 4.91 -8.45 -22.89
C ALA A 186 5.63 -9.40 -23.85
N ALA A 187 6.52 -8.83 -24.65
CA ALA A 187 7.29 -9.55 -25.66
C ALA A 187 8.15 -10.54 -24.95
N HIS A 188 9.04 -10.02 -24.10
CA HIS A 188 9.98 -10.77 -23.31
C HIS A 188 9.31 -11.98 -22.65
N ARG A 189 8.19 -11.72 -22.00
CA ARG A 189 7.48 -12.74 -21.25
C ARG A 189 6.86 -13.85 -22.12
N GLN A 190 6.27 -13.52 -23.27
CA GLN A 190 5.69 -14.59 -24.12
C GLN A 190 6.75 -15.63 -24.58
N GLN A 191 8.04 -15.32 -24.44
CA GLN A 191 9.09 -16.32 -24.70
C GLN A 191 9.82 -16.89 -23.46
N LEU A 192 9.35 -16.57 -22.25
CA LEU A 192 9.96 -17.12 -21.03
C LEU A 192 9.86 -18.63 -21.02
N GLY A 193 10.78 -19.30 -20.36
CA GLY A 193 10.58 -20.72 -20.05
C GLY A 193 9.34 -20.97 -19.21
N TRP A 194 8.87 -22.21 -19.20
CA TRP A 194 7.63 -22.53 -18.49
C TRP A 194 7.71 -22.31 -16.98
N VAL A 195 8.85 -22.55 -16.35
CA VAL A 195 8.99 -22.24 -14.93
C VAL A 195 9.05 -20.71 -14.70
N GLU A 196 9.70 -19.98 -15.58
CA GLU A 196 9.73 -18.52 -15.45
C GLU A 196 8.35 -17.90 -15.68
N TRP A 197 7.54 -18.54 -16.52
CA TRP A 197 6.17 -18.10 -16.69
C TRP A 197 5.40 -18.33 -15.41
N LEU A 198 5.58 -19.49 -14.79
CA LEU A 198 4.94 -19.79 -13.52
C LEU A 198 5.31 -18.72 -12.49
N GLN A 199 6.59 -18.36 -12.45
CA GLN A 199 7.08 -17.31 -11.56
C GLN A 199 6.38 -15.97 -11.80
N TYR A 200 6.06 -15.70 -13.05
CA TYR A 200 5.37 -14.47 -13.42
C TYR A 200 3.92 -14.54 -12.97
N SER A 201 3.24 -15.60 -13.37
CA SER A 201 1.79 -15.69 -13.21
C SER A 201 1.37 -16.19 -11.85
N PHE A 202 2.16 -17.10 -11.27
CA PHE A 202 1.85 -17.73 -10.00
C PHE A 202 3.04 -17.62 -9.07
N PRO A 203 3.38 -16.40 -8.63
CA PRO A 203 4.54 -16.32 -7.73
C PRO A 203 4.33 -17.18 -6.51
N LEU A 204 5.40 -17.83 -6.08
CA LEU A 204 5.31 -18.73 -4.96
C LEU A 204 4.98 -17.96 -3.74
N GLN A 205 4.25 -18.64 -2.88
CA GLN A 205 3.85 -18.07 -1.66
C GLN A 205 4.51 -18.92 -0.62
N LEU A 206 5.56 -18.36 -0.01
CA LEU A 206 6.31 -19.06 1.00
C LEU A 206 6.23 -18.44 2.40
N GLU A 207 6.96 -19.04 3.33
CA GLU A 207 7.11 -18.52 4.68
C GLU A 207 8.43 -17.75 4.77
N PRO A 208 8.47 -16.66 5.56
CA PRO A 208 9.61 -15.72 5.69
C PRO A 208 11.05 -16.24 5.78
N ASN A 222 12.69 -34.17 8.93
CA ASN A 222 12.15 -33.69 10.20
C ASN A 222 10.85 -34.44 10.54
N ARG A 223 9.72 -34.05 9.93
CA ARG A 223 8.39 -34.57 10.33
C ARG A 223 7.60 -35.08 9.13
N ALA A 224 6.56 -35.89 9.39
CA ALA A 224 5.73 -36.47 8.33
C ALA A 224 4.34 -35.87 8.12
N LEU A 225 3.79 -36.07 6.90
CA LEU A 225 2.41 -35.68 6.57
C LEU A 225 1.81 -36.37 5.33
N LEU A 226 0.48 -36.43 5.36
CA LEU A 226 -0.35 -37.02 4.32
C LEU A 226 -0.65 -35.99 3.26
N VAL A 227 -0.33 -36.29 2.01
CA VAL A 227 -0.66 -35.38 0.90
C VAL A 227 -1.39 -36.15 -0.19
N ASN A 228 -2.49 -35.57 -0.66
CA ASN A 228 -3.25 -36.10 -1.79
C ASN A 228 -2.84 -35.44 -3.10
N VAL A 229 -2.55 -36.27 -4.10
CA VAL A 229 -2.12 -35.80 -5.40
C VAL A 229 -2.93 -36.50 -6.47
N LYS A 230 -3.22 -35.76 -7.52
CA LYS A 230 -3.92 -36.27 -8.70
C LYS A 230 -3.23 -35.67 -9.92
N PHE A 231 -3.66 -36.10 -11.10
CA PHE A 231 -3.12 -35.59 -12.35
C PHE A 231 -4.21 -34.80 -13.04
N GLU A 232 -3.81 -33.95 -13.96
CA GLU A 232 -4.75 -32.99 -14.58
C GLU A 232 -5.94 -33.66 -15.30
N GLY A 233 -5.71 -34.84 -15.88
CA GLY A 233 -6.70 -35.53 -16.69
C GLY A 233 -7.78 -36.34 -15.99
N SER A 234 -7.46 -36.95 -14.86
CA SER A 234 -8.32 -37.95 -14.23
C SER A 234 -8.87 -37.52 -12.86
N GLU A 235 -9.83 -38.29 -12.36
CA GLU A 235 -10.32 -38.12 -11.00
C GLU A 235 -9.47 -38.84 -9.98
N GLU A 236 -8.86 -39.96 -10.39
CA GLU A 236 -8.06 -40.82 -9.48
C GLU A 236 -6.97 -40.05 -8.78
N SER A 237 -6.82 -40.30 -7.48
CA SER A 237 -5.85 -39.60 -6.67
C SER A 237 -5.15 -40.53 -5.69
N PHE A 238 -3.96 -40.13 -5.29
CA PHE A 238 -3.10 -40.98 -4.51
C PHE A 238 -2.72 -40.23 -3.26
N THR A 239 -2.76 -40.89 -2.12
CA THR A 239 -2.33 -40.27 -0.89
C THR A 239 -1.04 -40.90 -0.39
N PHE A 240 -0.03 -40.08 -0.18
CA PHE A 240 1.23 -40.55 0.39
C PHE A 240 1.47 -39.97 1.74
N GLN A 241 2.57 -40.39 2.33
CA GLN A 241 3.09 -39.77 3.50
C GLN A 241 4.43 -39.20 3.05
N VAL A 242 4.63 -37.90 3.25
CA VAL A 242 5.90 -37.29 2.86
C VAL A 242 6.46 -36.52 4.03
N SER A 243 7.73 -36.14 3.94
CA SER A 243 8.31 -35.33 4.98
C SER A 243 8.06 -33.86 4.70
N THR A 244 7.91 -33.10 5.78
CA THR A 244 7.85 -31.65 5.71
C THR A 244 9.17 -31.07 5.14
N LYS A 245 10.27 -31.80 5.25
CA LYS A 245 11.57 -31.39 4.68
C LYS A 245 11.75 -31.76 3.20
N ASP A 246 10.89 -32.60 2.65
CA ASP A 246 11.00 -33.00 1.27
C ASP A 246 10.82 -31.86 0.31
N MET A 247 11.38 -32.04 -0.87
CA MET A 247 11.21 -31.12 -1.98
C MET A 247 9.98 -31.50 -2.78
N PRO A 248 9.43 -30.57 -3.54
CA PRO A 248 8.34 -30.86 -4.45
C PRO A 248 8.65 -31.92 -5.49
N LEU A 249 9.90 -31.95 -5.94
CA LEU A 249 10.36 -32.95 -6.90
C LEU A 249 10.17 -34.36 -6.38
N ALA A 250 10.58 -34.58 -5.13
CA ALA A 250 10.45 -35.89 -4.51
C ALA A 250 8.99 -36.31 -4.49
N LEU A 251 8.11 -35.36 -4.19
CA LEU A 251 6.68 -35.60 -4.14
C LEU A 251 6.17 -35.91 -5.54
N MET A 252 6.64 -35.15 -6.52
CA MET A 252 6.23 -35.38 -7.91
C MET A 252 6.73 -36.72 -8.43
N ALA A 253 7.92 -37.11 -7.93
CA ALA A 253 8.53 -38.36 -8.26
C ALA A 253 7.67 -39.52 -7.78
N CYS A 254 7.27 -39.51 -6.50
CA CYS A 254 6.34 -40.54 -5.97
C CYS A 254 5.04 -40.58 -6.75
N ALA A 255 4.48 -39.41 -7.04
CA ALA A 255 3.24 -39.29 -7.82
C ALA A 255 3.35 -39.96 -9.19
N LEU A 256 4.36 -39.54 -9.93
CA LEU A 256 4.66 -40.09 -11.23
C LEU A 256 4.81 -41.56 -11.12
N ARG A 257 5.64 -41.96 -10.17
CA ARG A 257 6.01 -43.35 -9.99
C ARG A 257 4.78 -44.23 -9.81
N LYS A 258 3.89 -43.86 -8.90
CA LYS A 258 2.65 -44.60 -8.72
C LYS A 258 1.86 -44.63 -9.98
N LYS A 259 1.46 -43.47 -10.49
CA LYS A 259 0.68 -43.48 -11.71
C LYS A 259 1.21 -44.60 -12.61
N ALA A 260 2.53 -44.78 -12.65
CA ALA A 260 3.14 -45.81 -13.48
C ALA A 260 2.75 -47.25 -13.13
N THR A 261 2.64 -47.54 -11.83
CA THR A 261 2.27 -48.88 -11.37
C THR A 261 0.82 -49.13 -11.75
N VAL A 262 -0.07 -48.27 -11.30
CA VAL A 262 -1.49 -48.39 -11.64
C VAL A 262 -1.72 -48.15 -13.14
N PHE A 263 -0.79 -47.43 -13.77
CA PHE A 263 -0.88 -47.12 -15.20
C PHE A 263 0.00 -48.06 -16.04
N ARG A 264 0.32 -49.23 -15.49
CA ARG A 264 1.21 -50.20 -16.15
C ARG A 264 2.49 -49.70 -16.77
N GLN A 265 2.85 -48.44 -16.49
CA GLN A 265 4.05 -47.79 -16.99
C GLN A 265 4.10 -47.68 -18.52
N GLN A 270 9.51 -38.41 -15.75
CA GLN A 270 10.56 -37.51 -15.33
C GLN A 270 10.01 -36.28 -14.56
N PRO A 271 10.19 -36.24 -13.24
CA PRO A 271 9.66 -35.18 -12.37
C PRO A 271 9.86 -33.76 -12.83
N GLU A 272 10.96 -33.44 -13.50
CA GLU A 272 11.31 -32.04 -13.83
C GLU A 272 10.42 -31.36 -14.89
N GLU A 273 9.49 -32.09 -15.49
CA GLU A 273 8.56 -31.55 -16.45
C GLU A 273 7.21 -31.29 -15.79
N TYR A 274 7.19 -31.05 -14.50
CA TYR A 274 5.92 -30.90 -13.80
C TYR A 274 5.95 -29.83 -12.75
N ALA A 275 4.77 -29.31 -12.46
CA ALA A 275 4.60 -28.46 -11.32
C ALA A 275 3.32 -28.85 -10.64
N LEU A 276 3.27 -28.60 -9.34
CA LEU A 276 2.15 -29.00 -8.53
C LEU A 276 1.24 -27.83 -8.32
N GLN A 277 0.02 -27.88 -8.85
CA GLN A 277 -0.99 -26.85 -8.60
C GLN A 277 -1.78 -27.16 -7.32
N VAL A 278 -2.02 -26.15 -6.49
CA VAL A 278 -2.90 -26.29 -5.34
C VAL A 278 -4.33 -26.37 -5.87
N ASN A 279 -5.06 -27.40 -5.49
CA ASN A 279 -6.37 -27.67 -6.09
C ASN A 279 -7.29 -26.49 -5.91
N GLY A 280 -7.87 -26.02 -7.01
CA GLY A 280 -8.83 -24.92 -6.99
C GLY A 280 -8.28 -23.53 -6.63
N ARG A 281 -6.95 -23.39 -6.63
CA ARG A 281 -6.31 -22.11 -6.39
C ARG A 281 -5.35 -21.80 -7.53
N HIS A 282 -5.06 -20.50 -7.74
CA HIS A 282 -3.97 -20.10 -8.63
C HIS A 282 -2.70 -20.05 -7.84
N GLU A 283 -2.26 -21.22 -7.44
CA GLU A 283 -1.07 -21.34 -6.63
C GLU A 283 -0.37 -22.60 -7.11
N TYR A 284 0.95 -22.52 -7.24
CA TYR A 284 1.75 -23.67 -7.59
C TYR A 284 2.87 -23.92 -6.61
N LEU A 285 3.27 -25.19 -6.53
CA LEU A 285 4.42 -25.62 -5.76
C LEU A 285 5.49 -26.06 -6.78
N TYR A 286 6.65 -25.40 -6.69
CA TYR A 286 7.83 -25.65 -7.52
C TYR A 286 9.03 -25.00 -6.84
N GLY A 287 10.24 -25.27 -7.33
CA GLY A 287 11.46 -24.68 -6.77
C GLY A 287 12.13 -25.56 -5.73
N ASN A 288 13.34 -25.17 -5.32
CA ASN A 288 14.10 -25.91 -4.28
C ASN A 288 13.70 -25.40 -2.92
N TYR A 289 12.56 -25.87 -2.46
CA TYR A 289 12.05 -25.50 -1.17
C TYR A 289 11.46 -26.70 -0.47
N PRO A 290 11.64 -26.79 0.85
CA PRO A 290 10.98 -27.78 1.66
C PRO A 290 9.49 -27.53 1.67
N LEU A 291 8.69 -28.57 1.73
CA LEU A 291 7.23 -28.40 1.70
C LEU A 291 6.58 -27.52 2.76
N CYS A 292 7.26 -27.31 3.88
CA CYS A 292 6.77 -26.45 4.94
C CYS A 292 7.41 -25.07 4.87
N HIS A 293 7.89 -24.69 3.70
CA HIS A 293 8.24 -23.33 3.44
C HIS A 293 7.09 -22.83 2.61
N PHE A 294 6.29 -23.74 2.04
CA PHE A 294 5.22 -23.30 1.15
C PHE A 294 4.03 -22.92 1.99
N GLN A 295 3.47 -21.74 1.77
CA GLN A 295 2.44 -21.23 2.67
C GLN A 295 1.18 -22.10 2.75
N TYR A 296 0.80 -22.73 1.65
CA TYR A 296 -0.33 -23.63 1.65
C TYR A 296 -0.06 -24.89 2.47
N ILE A 297 1.12 -25.49 2.29
CA ILE A 297 1.50 -26.64 3.10
C ILE A 297 1.53 -26.24 4.59
N CYS A 298 2.12 -25.08 4.90
CA CYS A 298 2.14 -24.55 6.27
C CYS A 298 0.73 -24.40 6.82
N SER A 299 -0.12 -23.77 6.03
CA SER A 299 -1.51 -23.54 6.39
C SER A 299 -2.19 -24.85 6.84
N CYS A 300 -2.11 -25.87 5.99
CA CYS A 300 -2.67 -27.20 6.26
C CYS A 300 -2.13 -27.86 7.57
N LEU A 301 -0.84 -27.75 7.82
CA LEU A 301 -0.23 -28.30 9.04
C LEU A 301 -0.74 -27.67 10.35
N HIS A 302 -0.78 -26.33 10.42
CA HIS A 302 -1.30 -25.61 11.61
C HIS A 302 -2.82 -25.82 11.75
N SER A 303 -3.54 -25.98 10.64
CA SER A 303 -4.99 -26.21 10.68
C SER A 303 -5.40 -27.69 10.83
N GLY A 304 -4.51 -28.61 10.47
CA GLY A 304 -4.85 -30.04 10.48
C GLY A 304 -5.16 -30.66 9.12
N LEU A 305 -5.73 -29.88 8.18
CA LEU A 305 -6.15 -30.36 6.84
C LEU A 305 -5.09 -31.10 5.99
N THR A 306 -5.55 -31.84 4.97
CA THR A 306 -4.65 -32.60 4.07
C THR A 306 -4.45 -31.86 2.76
N PRO A 307 -3.19 -31.50 2.41
CA PRO A 307 -2.88 -30.83 1.14
C PRO A 307 -3.37 -31.62 -0.06
N HIS A 308 -4.14 -30.97 -0.92
CA HIS A 308 -4.61 -31.56 -2.15
C HIS A 308 -4.00 -30.84 -3.34
N LEU A 309 -3.20 -31.55 -4.14
CA LEU A 309 -2.45 -30.96 -5.25
C LEU A 309 -2.70 -31.68 -6.55
N THR A 310 -2.40 -30.99 -7.65
CA THR A 310 -2.54 -31.53 -8.99
C THR A 310 -1.26 -31.39 -9.80
N MET A 311 -0.80 -32.52 -10.32
CA MET A 311 0.36 -32.59 -11.20
C MET A 311 -0.03 -31.95 -12.53
N VAL A 312 0.65 -30.85 -12.86
CA VAL A 312 0.45 -30.20 -14.14
C VAL A 312 1.71 -30.31 -14.98
N HIS A 313 1.57 -30.86 -16.18
CA HIS A 313 2.68 -31.08 -17.09
C HIS A 313 3.09 -29.77 -17.75
N SER A 314 4.37 -29.67 -18.11
CA SER A 314 4.96 -28.44 -18.69
C SER A 314 4.23 -27.94 -19.92
N SER A 315 3.79 -28.86 -20.77
CA SER A 315 3.10 -28.51 -22.01
C SER A 315 1.70 -27.87 -21.76
N SER A 316 1.03 -28.32 -20.71
CA SER A 316 -0.22 -27.67 -20.29
C SER A 316 0.05 -26.21 -19.88
N ILE A 317 1.13 -26.00 -19.12
CA ILE A 317 1.54 -24.65 -18.69
C ILE A 317 1.89 -23.79 -19.89
N LEU A 318 2.59 -24.34 -20.87
CA LEU A 318 2.95 -23.56 -22.06
C LEU A 318 1.72 -23.20 -22.89
N ALA A 319 0.72 -24.06 -22.86
CA ALA A 319 -0.57 -23.77 -23.47
C ALA A 319 -1.24 -22.55 -22.80
N MET A 320 -0.97 -22.35 -21.52
CA MET A 320 -1.49 -21.18 -20.83
C MET A 320 -0.75 -19.93 -21.26
N ARG A 321 0.55 -20.05 -21.43
CA ARG A 321 1.36 -18.92 -21.85
C ARG A 321 0.89 -18.44 -23.20
N ASP A 322 0.77 -19.39 -24.12
CA ASP A 322 0.40 -19.10 -25.49
C ASP A 322 -1.02 -18.65 -25.64
N GLU A 323 -1.87 -18.90 -24.65
CA GLU A 323 -3.25 -18.48 -24.73
C GLU A 323 -3.53 -17.20 -23.92
N GLN A 324 -2.47 -16.47 -23.61
CA GLN A 324 -2.57 -15.23 -22.89
C GLN A 324 -1.69 -14.20 -23.61
N SER A 325 -1.41 -14.45 -24.90
CA SER A 325 -0.57 -13.53 -25.70
C SER A 325 -1.39 -12.32 -26.18
N ASN A 326 -0.71 -11.17 -26.32
CA ASN A 326 -1.35 -9.85 -26.52
C ASN A 326 -2.15 -9.68 -27.84
N LEU A 351 19.75 29.39 -18.61
CA LEU A 351 20.92 28.63 -18.21
C LEU A 351 21.75 29.46 -17.21
N TRP A 352 23.02 29.09 -17.01
CA TRP A 352 23.94 29.86 -16.14
C TRP A 352 23.98 31.38 -16.43
N SER A 353 23.48 31.79 -17.59
CA SER A 353 23.64 33.17 -18.10
C SER A 353 22.82 34.23 -17.39
N LEU A 354 21.72 33.83 -16.79
CA LEU A 354 20.69 34.76 -16.36
C LEU A 354 20.84 35.09 -14.89
N GLU A 355 21.33 36.30 -14.59
CA GLU A 355 21.51 36.77 -13.20
C GLU A 355 20.33 37.58 -12.66
N GLN A 356 19.45 38.03 -13.55
CA GLN A 356 18.33 38.89 -13.17
C GLN A 356 17.44 38.18 -12.16
N PRO A 357 16.91 38.95 -11.18
CA PRO A 357 16.07 38.30 -10.17
C PRO A 357 14.79 37.74 -10.80
N PHE A 358 14.50 36.45 -10.54
CA PHE A 358 13.33 35.78 -11.13
C PHE A 358 12.08 36.56 -10.73
N SER A 359 11.13 36.60 -11.66
CA SER A 359 9.91 37.35 -11.48
C SER A 359 8.77 36.78 -12.31
N ILE A 360 7.55 37.12 -11.93
CA ILE A 360 6.37 36.78 -12.75
C ILE A 360 5.44 37.99 -12.78
N GLU A 361 4.43 37.93 -13.62
CA GLU A 361 3.38 38.93 -13.59
C GLU A 361 2.08 38.27 -13.20
N LEU A 362 1.55 38.70 -12.07
CA LEU A 362 0.22 38.31 -11.62
C LEU A 362 -0.81 39.21 -12.30
N ILE A 363 -1.56 38.66 -13.25
CA ILE A 363 -2.51 39.46 -14.03
C ILE A 363 -3.83 39.62 -13.27
N GLU A 364 -4.64 38.57 -13.19
CA GLU A 364 -6.02 38.66 -12.69
C GLU A 364 -6.59 37.27 -12.26
N GLY A 365 -7.79 37.28 -11.67
CA GLY A 365 -8.47 35.99 -11.39
C GLY A 365 -9.98 36.00 -11.48
N ARG A 366 -10.68 35.02 -10.85
CA ARG A 366 -12.16 34.80 -11.04
C ARG A 366 -12.89 33.80 -10.06
N LYS A 367 -13.28 34.32 -8.88
CA LYS A 367 -13.42 33.52 -7.64
C LYS A 367 -14.69 33.86 -6.85
N VAL A 368 -14.81 33.45 -5.58
CA VAL A 368 -15.99 33.72 -4.70
C VAL A 368 -15.60 33.96 -3.23
N ASN A 369 -15.88 35.15 -2.67
CA ASN A 369 -15.69 35.35 -1.20
C ASN A 369 -16.41 36.57 -0.57
N ALA A 370 -16.33 36.69 0.77
CA ALA A 370 -16.86 37.84 1.54
C ALA A 370 -15.97 39.07 1.51
N MET A 374 -13.84 42.70 2.59
CA MET A 374 -12.49 42.17 2.72
C MET A 374 -11.71 42.49 1.46
N LYS A 375 -10.40 42.21 1.48
CA LYS A 375 -9.55 42.36 0.28
C LYS A 375 -8.81 41.07 0.01
N LEU A 376 -8.56 40.81 -1.25
CA LEU A 376 -7.89 39.59 -1.69
C LEU A 376 -6.41 39.77 -1.92
N VAL A 377 -5.61 38.88 -1.33
CA VAL A 377 -4.16 38.89 -1.44
C VAL A 377 -3.73 37.59 -2.10
N VAL A 378 -2.76 37.66 -2.98
CA VAL A 378 -2.08 36.47 -3.47
C VAL A 378 -0.69 36.39 -2.88
N GLN A 379 -0.42 35.35 -2.09
CA GLN A 379 0.94 35.10 -1.63
C GLN A 379 1.53 34.10 -2.62
N ALA A 380 2.78 34.32 -2.98
CA ALA A 380 3.50 33.41 -3.85
C ALA A 380 4.86 33.07 -3.24
N GLY A 381 5.35 31.86 -3.47
CA GLY A 381 6.59 31.38 -2.86
C GLY A 381 7.21 30.30 -3.71
N LEU A 382 8.53 30.25 -3.75
CA LEU A 382 9.24 29.26 -4.56
C LEU A 382 9.79 28.20 -3.64
N PHE A 383 9.58 26.93 -4.01
CA PHE A 383 9.99 25.81 -3.17
C PHE A 383 10.80 24.77 -3.92
N HIS A 384 11.67 24.11 -3.15
CA HIS A 384 12.34 22.88 -3.58
C HIS A 384 12.09 21.83 -2.50
N GLY A 385 11.04 21.03 -2.71
CA GLY A 385 10.51 20.14 -1.69
C GLY A 385 9.85 20.97 -0.60
N ASN A 386 10.17 20.68 0.65
CA ASN A 386 9.65 21.46 1.78
C ASN A 386 10.37 22.78 1.97
N GLU A 387 11.55 22.92 1.37
CA GLU A 387 12.41 24.07 1.60
C GLU A 387 12.14 25.23 0.65
N MET A 388 12.06 26.43 1.23
CA MET A 388 11.91 27.66 0.46
C MET A 388 13.21 27.98 -0.24
N LEU A 389 13.14 28.34 -1.52
CA LEU A 389 14.31 28.82 -2.23
C LEU A 389 14.54 30.33 -2.01
N CYS A 390 13.58 31.03 -1.40
CA CYS A 390 13.72 32.43 -1.02
C CYS A 390 12.44 32.90 -0.36
N LYS A 391 12.37 34.18 -0.03
CA LYS A 391 11.27 34.74 0.74
C LYS A 391 10.01 34.76 -0.10
N THR A 392 8.87 34.78 0.58
CA THR A 392 7.57 34.62 -0.08
C THR A 392 6.89 35.96 -0.40
N VAL A 393 7.32 36.58 -1.49
CA VAL A 393 6.69 37.84 -1.94
C VAL A 393 5.16 37.75 -2.12
N SER A 394 4.44 38.74 -1.60
CA SER A 394 2.97 38.78 -1.60
C SER A 394 2.42 39.90 -2.47
N SER A 395 1.15 39.78 -2.84
CA SER A 395 0.49 40.78 -3.65
C SER A 395 0.09 41.99 -2.83
N SER A 396 -0.19 43.07 -3.56
CA SER A 396 -0.86 44.25 -3.01
C SER A 396 -2.30 43.85 -2.75
N GLU A 397 -2.89 44.41 -1.70
CA GLU A 397 -4.30 44.18 -1.39
C GLU A 397 -5.25 44.76 -2.48
N VAL A 398 -6.20 43.93 -2.94
CA VAL A 398 -7.26 44.34 -3.88
C VAL A 398 -8.60 43.92 -3.31
N ASN A 399 -9.60 44.79 -3.46
CA ASN A 399 -10.96 44.52 -2.98
C ASN A 399 -11.39 43.06 -3.25
N VAL A 400 -12.36 42.56 -2.49
CA VAL A 400 -12.88 41.20 -2.68
C VAL A 400 -14.19 41.20 -3.47
N CYS A 401 -14.09 41.51 -4.77
CA CYS A 401 -15.23 41.35 -5.67
C CYS A 401 -14.81 40.90 -7.05
N SER A 402 -15.61 40.01 -7.65
CA SER A 402 -15.45 39.53 -9.05
C SER A 402 -14.02 39.09 -9.31
N GLU A 403 -13.41 39.58 -10.38
CA GLU A 403 -12.05 39.20 -10.77
C GLU A 403 -11.03 39.91 -9.91
N PRO A 404 -9.88 39.26 -9.65
CA PRO A 404 -8.81 39.85 -8.85
C PRO A 404 -7.72 40.49 -9.69
N VAL A 405 -8.08 41.51 -10.47
CA VAL A 405 -7.10 42.22 -11.31
C VAL A 405 -5.92 42.74 -10.44
N TRP A 406 -4.71 42.50 -10.93
CA TRP A 406 -3.47 42.93 -10.26
C TRP A 406 -2.49 43.59 -11.22
N LYS A 407 -2.14 42.87 -12.28
CA LYS A 407 -1.16 43.31 -13.29
C LYS A 407 0.09 43.88 -12.63
N GLN A 408 0.63 43.08 -11.72
CA GLN A 408 1.79 43.40 -10.90
C GLN A 408 2.97 42.60 -11.42
N ARG A 409 4.16 42.97 -10.98
CA ARG A 409 5.33 42.20 -11.32
C ARG A 409 5.87 41.70 -10.02
N LEU A 410 5.92 40.39 -9.86
CA LEU A 410 6.46 39.83 -8.63
C LEU A 410 7.90 39.48 -8.88
N GLU A 411 8.80 40.01 -8.06
CA GLU A 411 10.20 39.65 -8.19
C GLU A 411 10.69 38.86 -6.99
N PHE A 412 11.43 37.80 -7.28
CA PHE A 412 11.89 36.86 -6.26
C PHE A 412 13.38 37.07 -5.95
N ASP A 413 13.71 36.87 -4.67
CA ASP A 413 15.04 37.08 -4.12
C ASP A 413 15.95 35.90 -4.52
N ILE A 414 16.18 35.75 -5.83
CA ILE A 414 16.97 34.64 -6.38
C ILE A 414 17.23 34.83 -7.90
N SER A 415 18.47 34.56 -8.30
CA SER A 415 18.87 34.64 -9.71
C SER A 415 18.24 33.50 -10.53
N VAL A 416 17.89 33.79 -11.77
CA VAL A 416 17.23 32.83 -12.65
C VAL A 416 18.15 31.63 -12.97
N CYS A 417 19.44 31.87 -13.11
CA CYS A 417 20.41 30.78 -13.27
C CYS A 417 20.53 29.87 -12.01
N ASP A 418 20.06 30.33 -10.85
CA ASP A 418 20.08 29.53 -9.60
C ASP A 418 18.84 28.64 -9.34
N LEU A 419 17.78 28.80 -10.11
CA LEU A 419 16.60 27.94 -9.99
C LEU A 419 16.97 26.49 -10.32
N PRO A 420 16.75 25.56 -9.36
CA PRO A 420 17.11 24.18 -9.63
C PRO A 420 16.04 23.52 -10.46
N ARG A 421 16.40 22.37 -11.03
CA ARG A 421 15.61 21.73 -12.06
C ARG A 421 14.18 21.51 -11.63
N MET A 422 14.02 21.20 -10.34
CA MET A 422 12.75 20.79 -9.81
C MET A 422 12.08 21.91 -9.07
N ALA A 423 12.39 23.14 -9.47
CA ALA A 423 11.81 24.30 -8.83
C ALA A 423 10.31 24.38 -9.13
N ARG A 424 9.60 24.71 -8.05
CA ARG A 424 8.18 24.71 -7.97
C ARG A 424 7.71 26.07 -7.48
N LEU A 425 6.82 26.71 -8.23
CA LEU A 425 6.20 28.01 -7.84
C LEU A 425 4.83 27.80 -7.24
N CYS A 426 4.59 28.36 -6.06
CA CYS A 426 3.43 28.04 -5.25
C CYS A 426 2.64 29.28 -4.87
N PHE A 427 1.35 29.25 -5.18
CA PHE A 427 0.47 30.36 -4.90
C PHE A 427 -0.56 30.04 -3.83
N ALA A 428 -1.00 31.07 -3.13
CA ALA A 428 -2.15 31.01 -2.24
C ALA A 428 -2.98 32.29 -2.36
N LEU A 429 -4.28 32.14 -2.64
CA LEU A 429 -5.20 33.26 -2.72
C LEU A 429 -6.11 33.21 -1.51
N TYR A 430 -6.17 34.31 -0.77
CA TYR A 430 -6.95 34.38 0.48
C TYR A 430 -7.50 35.80 0.72
N ALA A 431 -8.39 35.93 1.69
CA ALA A 431 -8.97 37.23 2.05
C ALA A 431 -8.50 37.65 3.42
N VAL A 432 -8.52 38.97 3.67
CA VAL A 432 -8.20 39.50 5.00
C VAL A 432 -8.98 40.78 5.32
N VAL A 433 -9.08 41.08 6.62
CA VAL A 433 -9.59 42.37 7.09
C VAL A 433 -8.62 43.48 6.65
N ASP A 450 -8.12 35.55 9.43
CA ASP A 450 -7.72 35.18 8.08
C ASP A 450 -8.61 34.09 7.42
N CYS A 451 -8.83 34.23 6.11
CA CYS A 451 -9.72 33.34 5.36
C CYS A 451 -9.07 32.80 4.08
N PRO A 452 -8.45 31.59 4.14
CA PRO A 452 -7.93 30.93 2.94
C PRO A 452 -9.00 30.70 1.91
N ILE A 453 -8.65 30.84 0.64
CA ILE A 453 -9.60 30.55 -0.43
C ILE A 453 -9.09 29.43 -1.36
N ALA A 454 -7.90 29.59 -1.94
CA ALA A 454 -7.41 28.59 -2.91
C ALA A 454 -5.88 28.52 -3.01
N TRP A 455 -5.37 27.50 -3.70
CA TRP A 455 -3.94 27.34 -3.94
C TRP A 455 -3.69 26.74 -5.31
N ALA A 456 -2.48 26.91 -5.84
CA ALA A 456 -2.04 26.27 -7.09
C ALA A 456 -0.51 26.31 -7.23
N ASN A 457 0.08 25.23 -7.72
CA ASN A 457 1.50 25.12 -7.89
C ASN A 457 1.78 24.79 -9.34
N LEU A 458 2.96 25.18 -9.81
CA LEU A 458 3.49 24.66 -11.07
C LEU A 458 5.02 24.64 -11.11
N MET A 459 5.53 23.74 -11.95
CA MET A 459 6.95 23.60 -12.19
C MET A 459 7.35 24.75 -13.11
N LEU A 460 8.47 25.38 -12.79
CA LEU A 460 9.03 26.46 -13.62
C LEU A 460 9.66 25.88 -14.88
N PHE A 461 10.15 24.65 -14.81
CA PHE A 461 10.59 23.93 -16.01
C PHE A 461 9.53 22.93 -16.41
N ASP A 462 9.33 22.78 -17.71
CA ASP A 462 8.36 21.83 -18.23
C ASP A 462 9.00 20.46 -18.25
N TYR A 463 8.26 19.47 -18.72
CA TYR A 463 8.77 18.10 -18.82
C TYR A 463 9.88 17.87 -19.86
N LYS A 464 10.21 18.91 -20.63
CA LYS A 464 11.35 18.86 -21.56
C LYS A 464 12.51 19.73 -21.09
N ASP A 465 12.56 20.01 -19.80
CA ASP A 465 13.60 20.84 -19.20
C ASP A 465 13.61 22.30 -19.67
N GLN A 466 12.66 22.71 -20.51
CA GLN A 466 12.61 24.10 -20.96
C GLN A 466 11.99 24.95 -19.86
N LEU A 467 12.59 26.11 -19.61
CA LEU A 467 12.03 27.04 -18.65
C LEU A 467 10.79 27.62 -19.32
N LYS A 468 9.70 27.68 -18.56
CA LYS A 468 8.40 28.00 -19.14
C LYS A 468 8.25 29.50 -19.36
N THR A 469 7.56 29.89 -20.43
CA THR A 469 7.38 31.30 -20.79
C THR A 469 6.17 31.43 -21.74
N GLY A 470 5.16 32.23 -21.41
CA GLY A 470 5.11 32.98 -20.18
C GLY A 470 3.75 33.07 -19.52
N GLU A 471 2.71 33.28 -20.32
CA GLU A 471 1.33 33.36 -19.81
C GLU A 471 0.81 32.00 -19.32
N ARG A 472 -0.10 32.03 -18.35
CA ARG A 472 -0.66 30.82 -17.79
C ARG A 472 -1.95 31.07 -17.02
N CYS A 473 -2.94 30.23 -17.29
CA CYS A 473 -4.15 30.18 -16.50
C CYS A 473 -4.05 29.04 -15.49
N LEU A 474 -4.09 29.38 -14.21
CA LEU A 474 -3.94 28.38 -13.16
C LEU A 474 -5.27 28.09 -12.50
N TYR A 475 -5.86 26.94 -12.82
CA TYR A 475 -7.13 26.57 -12.24
C TYR A 475 -6.88 26.04 -10.81
N MET A 476 -7.44 26.73 -9.82
CA MET A 476 -7.02 26.55 -8.43
C MET A 476 -7.85 25.55 -7.63
N TRP A 477 -7.24 25.05 -6.56
CA TRP A 477 -7.84 24.03 -5.73
C TRP A 477 -8.35 24.70 -4.46
N PRO A 478 -9.52 24.28 -3.97
CA PRO A 478 -10.07 24.89 -2.76
C PRO A 478 -9.24 24.61 -1.52
N SER A 479 -9.09 25.60 -0.66
CA SER A 479 -8.18 25.53 0.49
C SER A 479 -8.87 25.14 1.78
N VAL A 480 -8.49 23.99 2.33
CA VAL A 480 -8.63 23.68 3.76
C VAL A 480 -9.75 24.44 4.51
N LEU A 487 0.07 28.40 4.90
CA LEU A 487 -1.08 28.53 4.00
C LEU A 487 -0.75 28.14 2.56
N LEU A 488 0.52 28.23 2.17
CA LEU A 488 1.00 27.70 0.88
C LEU A 488 1.03 26.18 0.94
N ASN A 489 0.88 25.54 -0.21
CA ASN A 489 0.86 24.09 -0.23
C ASN A 489 1.94 23.55 -1.15
N PRO A 490 3.19 23.51 -0.68
CA PRO A 490 4.26 23.10 -1.61
C PRO A 490 4.13 21.65 -2.09
N ALA A 491 3.63 20.81 -1.19
CA ALA A 491 3.44 19.38 -1.49
C ALA A 491 2.28 19.08 -2.48
N GLY A 492 1.31 20.00 -2.58
CA GLY A 492 0.18 19.86 -3.48
C GLY A 492 0.58 19.59 -4.92
N THR A 493 -0.31 18.95 -5.67
CA THR A 493 -0.03 18.62 -7.06
C THR A 493 0.36 19.84 -7.89
N VAL A 494 1.17 19.63 -8.90
CA VAL A 494 1.58 20.71 -9.79
C VAL A 494 0.70 20.83 -11.01
N ARG A 495 -0.45 20.16 -11.02
CA ARG A 495 -1.37 20.21 -12.14
C ARG A 495 -2.60 20.97 -11.70
N GLY A 496 -3.27 21.57 -12.67
CA GLY A 496 -4.41 22.42 -12.37
C GLY A 496 -5.66 21.65 -12.04
N ASN A 497 -6.59 22.35 -11.38
CA ASN A 497 -7.90 21.80 -11.06
C ASN A 497 -8.69 21.54 -12.35
N PRO A 498 -9.06 20.29 -12.62
CA PRO A 498 -9.73 19.96 -13.87
C PRO A 498 -11.19 20.43 -13.92
N ASN A 499 -11.77 20.85 -12.78
CA ASN A 499 -13.12 21.46 -12.80
C ASN A 499 -13.01 22.91 -13.26
N THR A 500 -12.76 23.09 -14.55
CA THR A 500 -12.49 24.43 -15.11
C THR A 500 -13.73 25.35 -15.17
N GLU A 501 -14.92 24.75 -15.03
CA GLU A 501 -16.17 25.51 -14.85
C GLU A 501 -16.23 26.24 -13.51
N SER A 502 -15.92 25.54 -12.43
CA SER A 502 -16.23 25.96 -11.06
C SER A 502 -15.03 26.61 -10.36
N ALA A 503 -13.85 26.09 -10.62
CA ALA A 503 -12.65 26.55 -9.93
C ALA A 503 -12.34 28.05 -10.17
N ALA A 504 -11.98 28.75 -9.10
CA ALA A 504 -11.27 30.02 -9.22
C ALA A 504 -9.99 29.81 -10.04
N ALA A 505 -9.65 30.79 -10.86
CA ALA A 505 -8.44 30.72 -11.69
C ALA A 505 -7.55 31.94 -11.47
N LEU A 506 -6.24 31.75 -11.64
CA LEU A 506 -5.27 32.84 -11.61
C LEU A 506 -4.54 32.87 -12.93
N VAL A 507 -4.60 33.99 -13.66
CA VAL A 507 -3.73 34.14 -14.82
C VAL A 507 -2.46 34.85 -14.40
N ILE A 508 -1.34 34.33 -14.89
CA ILE A 508 -0.05 34.89 -14.61
C ILE A 508 0.73 34.93 -15.91
N TYR A 509 1.86 35.64 -15.86
CA TYR A 509 2.76 35.72 -17.00
C TYR A 509 4.18 35.39 -16.55
N LEU A 510 4.78 34.41 -17.21
CA LEU A 510 6.16 34.03 -17.03
C LEU A 510 7.01 34.70 -18.08
N PRO A 511 7.88 35.67 -17.67
CA PRO A 511 8.65 36.49 -18.61
C PRO A 511 9.66 35.73 -19.44
N GLU A 512 9.84 36.19 -20.66
CA GLU A 512 10.78 35.61 -21.56
C GLU A 512 12.10 36.11 -21.12
N VAL A 513 12.99 35.19 -20.83
CA VAL A 513 14.32 35.52 -20.36
C VAL A 513 15.35 35.60 -21.51
N ALA A 514 14.89 35.45 -22.76
CA ALA A 514 15.79 35.35 -23.91
C ALA A 514 15.13 35.82 -25.19
N PRO A 517 15.19 30.47 -26.17
CA PRO A 517 14.84 29.15 -25.61
C PRO A 517 15.92 28.58 -24.67
N VAL A 518 15.54 28.32 -23.42
CA VAL A 518 16.51 27.98 -22.36
C VAL A 518 16.14 26.66 -21.71
N TYR A 519 17.08 25.71 -21.74
CA TYR A 519 16.89 24.39 -21.13
C TYR A 519 17.77 24.25 -19.91
N PHE A 520 17.38 23.36 -18.99
CA PHE A 520 18.22 23.06 -17.86
C PHE A 520 19.44 22.33 -18.38
N PRO A 521 20.64 22.67 -17.87
CA PRO A 521 21.83 22.08 -18.43
C PRO A 521 21.86 20.56 -18.31
N ALA A 522 22.42 19.91 -19.34
CA ALA A 522 22.63 18.49 -19.32
C ALA A 522 23.59 18.09 -18.19
N LEU A 523 23.49 16.83 -17.80
CA LEU A 523 24.31 16.29 -16.72
C LEU A 523 25.81 16.52 -16.98
N GLU A 524 26.23 16.33 -18.23
CA GLU A 524 27.63 16.51 -18.61
C GLU A 524 28.16 17.90 -18.27
N LYS A 525 27.32 18.93 -18.42
CA LYS A 525 27.72 20.27 -18.02
C LYS A 525 27.73 20.33 -16.53
N ILE A 526 26.70 19.75 -15.91
CA ILE A 526 26.58 19.77 -14.46
C ILE A 526 27.83 19.16 -13.83
N LEU A 527 28.16 17.95 -14.29
CA LEU A 527 29.30 17.20 -13.78
C LEU A 527 30.58 17.98 -13.99
N GLU A 528 30.66 18.71 -15.10
CA GLU A 528 31.78 19.60 -15.34
C GLU A 528 31.89 20.63 -14.22
N LEU A 529 30.85 21.43 -14.00
CA LEU A 529 30.89 22.38 -12.89
C LEU A 529 30.93 21.66 -11.54
N LEU A 546 34.00 15.37 15.40
CA LEU A 546 32.72 16.04 15.76
C LEU A 546 31.67 15.99 14.64
N ARG A 547 32.13 15.69 13.43
CA ARG A 547 31.29 15.16 12.38
C ARG A 547 30.42 14.00 12.83
N GLU A 548 31.08 12.99 13.39
CA GLU A 548 30.44 11.74 13.79
C GLU A 548 29.51 11.99 14.96
N ILE A 549 29.95 12.85 15.88
CA ILE A 549 29.21 13.10 17.13
C ILE A 549 27.85 13.77 16.90
N LEU A 550 27.72 14.50 15.81
CA LEU A 550 26.43 15.07 15.40
C LEU A 550 25.68 14.18 14.45
N GLU A 551 26.42 13.46 13.62
CA GLU A 551 25.86 12.41 12.80
C GLU A 551 25.58 11.17 13.65
N ARG A 552 25.50 11.37 14.97
CA ARG A 552 25.30 10.34 15.98
C ARG A 552 26.32 9.20 15.90
N GLU A 557 18.41 17.69 11.40
CA GLU A 557 17.84 18.27 12.61
C GLU A 557 18.96 18.96 13.41
N LEU A 558 19.64 19.91 12.77
CA LEU A 558 20.84 20.50 13.36
C LEU A 558 21.02 21.99 13.01
N TYR A 559 21.98 22.63 13.67
CA TYR A 559 22.17 24.09 13.53
C TYR A 559 22.97 24.47 12.30
N GLU A 560 22.98 25.76 12.01
CA GLU A 560 23.64 26.32 10.83
C GLU A 560 25.12 25.97 10.75
N HIS A 561 25.86 26.12 11.85
CA HIS A 561 27.29 25.79 11.84
C HIS A 561 27.52 24.30 11.58
N GLU A 562 26.60 23.48 12.09
CA GLU A 562 26.63 22.02 11.89
C GLU A 562 26.43 21.69 10.42
N LYS A 563 25.48 22.38 9.80
CA LYS A 563 25.22 22.24 8.37
C LYS A 563 26.45 22.56 7.54
N ASP A 564 27.13 23.63 7.93
CA ASP A 564 28.30 24.11 7.22
C ASP A 564 29.42 23.08 7.24
N LEU A 565 29.57 22.47 8.40
CA LEU A 565 30.55 21.40 8.60
C LEU A 565 30.27 20.25 7.65
N VAL A 566 29.01 19.83 7.60
CA VAL A 566 28.63 18.67 6.82
C VAL A 566 28.87 18.92 5.34
N TRP A 567 28.49 20.11 4.88
CA TRP A 567 28.71 20.49 3.49
C TRP A 567 30.21 20.56 3.16
N LYS A 568 30.97 21.17 4.08
CA LYS A 568 32.41 21.23 3.97
C LYS A 568 32.96 19.81 3.80
N MET A 569 32.38 18.91 4.58
CA MET A 569 32.86 17.55 4.67
C MET A 569 32.31 16.53 3.65
N ARG A 570 31.45 16.98 2.75
CA ARG A 570 30.87 16.13 1.71
C ARG A 570 31.73 15.03 1.12
N HIS A 571 33.00 15.27 0.86
CA HIS A 571 33.80 14.20 0.27
C HIS A 571 34.02 13.09 1.29
N GLU A 572 34.17 13.49 2.54
CA GLU A 572 34.32 12.53 3.62
C GLU A 572 33.04 11.74 3.75
N VAL A 573 31.93 12.47 3.74
CA VAL A 573 30.62 11.88 3.87
C VAL A 573 30.48 10.73 2.87
N GLN A 574 30.71 11.02 1.60
CA GLN A 574 30.68 10.00 0.54
C GLN A 574 31.64 8.84 0.80
N GLU A 575 32.90 9.14 1.08
CA GLU A 575 33.91 8.08 1.25
C GLU A 575 33.73 7.26 2.53
N HIS A 576 33.29 7.89 3.62
CA HIS A 576 33.27 7.21 4.92
C HIS A 576 31.89 7.05 5.59
N PHE A 577 30.90 7.83 5.19
CA PHE A 577 29.51 7.70 5.73
C PHE A 577 28.45 7.75 4.62
N PRO A 578 28.56 6.85 3.62
CA PRO A 578 27.70 6.92 2.42
C PRO A 578 26.22 6.88 2.72
N GLU A 579 25.87 6.19 3.79
CA GLU A 579 24.49 6.08 4.26
C GLU A 579 23.98 7.38 4.94
N ALA A 580 24.78 8.44 4.99
CA ALA A 580 24.28 9.70 5.53
C ALA A 580 23.93 10.67 4.38
N LEU A 581 23.83 10.15 3.15
CA LEU A 581 23.47 10.93 1.97
C LEU A 581 22.30 11.86 2.17
N ALA A 582 21.20 11.35 2.74
CA ALA A 582 20.01 12.18 3.03
C ALA A 582 20.30 13.46 3.84
N ARG A 583 21.06 13.28 4.90
CA ARG A 583 21.48 14.39 5.73
C ARG A 583 22.18 15.46 4.93
N LEU A 584 23.18 15.02 4.18
CA LEU A 584 23.92 15.91 3.33
C LEU A 584 23.05 16.61 2.27
N LEU A 585 22.08 15.87 1.71
CA LEU A 585 21.17 16.47 0.72
C LEU A 585 20.36 17.62 1.31
N LEU A 586 19.95 17.48 2.56
CA LEU A 586 19.15 18.52 3.22
C LEU A 586 19.94 19.74 3.64
N VAL A 587 21.27 19.63 3.70
CA VAL A 587 22.10 20.81 4.04
C VAL A 587 22.61 21.57 2.81
N THR A 588 22.60 20.90 1.64
CA THR A 588 23.05 21.55 0.41
C THR A 588 22.13 22.70 0.03
N LYS A 589 22.70 23.72 -0.57
CA LYS A 589 21.98 24.92 -0.92
C LYS A 589 21.42 24.74 -2.33
N TRP A 590 20.14 24.35 -2.40
CA TRP A 590 19.47 24.09 -3.68
C TRP A 590 19.22 25.39 -4.47
N ASN A 591 19.20 26.52 -3.74
CA ASN A 591 19.03 27.84 -4.33
C ASN A 591 20.36 28.48 -4.74
N LYS A 592 21.45 27.70 -4.75
CA LYS A 592 22.67 28.09 -5.41
C LYS A 592 23.09 26.98 -6.36
N HIS A 593 23.05 27.27 -7.65
CA HIS A 593 23.29 26.26 -8.68
C HIS A 593 24.67 25.61 -8.62
N GLU A 594 25.67 26.40 -8.22
CA GLU A 594 27.04 25.88 -8.04
C GLU A 594 27.11 24.77 -6.99
N ASP A 595 26.45 24.99 -5.86
CA ASP A 595 26.34 23.97 -4.79
C ASP A 595 25.63 22.71 -5.25
N VAL A 596 24.56 22.91 -6.02
CA VAL A 596 23.79 21.80 -6.55
C VAL A 596 24.68 20.96 -7.46
N ALA A 597 25.46 21.62 -8.30
CA ALA A 597 26.37 20.95 -9.22
C ALA A 597 27.39 20.07 -8.50
N GLN A 598 27.97 20.61 -7.43
CA GLN A 598 28.98 19.88 -6.66
C GLN A 598 28.39 18.69 -5.92
N MET A 599 27.16 18.86 -5.44
CA MET A 599 26.42 17.76 -4.81
C MET A 599 26.07 16.65 -5.82
N LEU A 600 25.60 17.04 -7.00
CA LEU A 600 25.28 16.09 -8.04
C LEU A 600 26.49 15.29 -8.51
N TYR A 601 27.66 15.93 -8.55
CA TYR A 601 28.88 15.25 -8.96
C TYR A 601 29.25 14.14 -7.98
N LEU A 602 29.07 14.38 -6.68
CA LEU A 602 29.24 13.35 -5.68
C LEU A 602 28.22 12.24 -5.85
N LEU A 603 26.97 12.66 -6.08
CA LEU A 603 25.86 11.72 -6.26
C LEU A 603 26.08 10.74 -7.39
N CYS A 604 26.72 11.19 -8.47
CA CYS A 604 26.91 10.34 -9.66
C CYS A 604 27.96 9.26 -9.46
N SER A 605 28.79 9.39 -8.43
CA SER A 605 29.73 8.34 -8.06
C SER A 605 29.36 7.66 -6.74
N TRP A 606 28.15 7.92 -6.23
CA TRP A 606 27.77 7.52 -4.87
C TRP A 606 27.46 6.03 -4.86
N PRO A 607 27.95 5.30 -3.85
CA PRO A 607 27.65 3.88 -3.76
C PRO A 607 26.14 3.65 -3.56
N GLU A 608 25.63 2.50 -4.00
CA GLU A 608 24.24 2.14 -3.76
C GLU A 608 23.92 2.08 -2.30
N LEU A 609 22.69 2.41 -1.96
CA LEU A 609 22.27 2.36 -0.60
C LEU A 609 21.38 1.19 -0.22
N PRO A 610 21.43 0.80 1.05
CA PRO A 610 20.39 -0.09 1.52
C PRO A 610 18.95 0.41 1.21
N VAL A 611 18.05 -0.56 1.08
CA VAL A 611 16.66 -0.32 0.75
C VAL A 611 16.03 0.63 1.77
N LEU A 612 16.36 0.45 3.03
CA LEU A 612 15.84 1.31 4.09
C LEU A 612 16.21 2.76 3.83
N SER A 613 17.45 3.00 3.43
CA SER A 613 17.89 4.34 3.14
C SER A 613 17.20 4.89 1.90
N ALA A 614 17.02 4.07 0.87
CA ALA A 614 16.32 4.49 -0.34
C ALA A 614 14.86 4.87 -0.05
N LEU A 615 14.20 4.23 0.93
CA LEU A 615 12.82 4.57 1.27
C LEU A 615 12.71 5.96 1.86
N GLU A 616 13.71 6.38 2.61
CA GLU A 616 13.76 7.74 3.12
C GLU A 616 13.90 8.75 1.97
N LEU A 617 14.70 8.39 0.97
CA LEU A 617 14.97 9.30 -0.16
C LEU A 617 13.78 9.51 -1.06
N LEU A 618 12.75 8.67 -0.93
CA LEU A 618 11.53 8.82 -1.72
C LEU A 618 10.61 9.88 -1.18
N ASP A 619 10.92 10.38 0.03
CA ASP A 619 10.19 11.45 0.63
C ASP A 619 10.17 12.69 -0.24
N PHE A 620 9.12 13.46 -0.10
CA PHE A 620 8.97 14.73 -0.81
C PHE A 620 10.14 15.71 -0.56
N SER A 621 10.86 15.54 0.55
CA SER A 621 12.03 16.36 0.85
C SER A 621 13.17 16.15 -0.11
N PHE A 622 13.07 15.20 -1.03
CA PHE A 622 14.12 14.92 -1.95
C PHE A 622 13.59 14.99 -3.37
N PRO A 623 13.28 16.21 -3.82
CA PRO A 623 12.60 16.39 -5.07
C PRO A 623 13.46 16.23 -6.28
N ASP A 624 14.79 16.41 -6.19
CA ASP A 624 15.65 16.43 -7.38
C ASP A 624 15.56 15.13 -8.17
N CYS A 625 15.55 15.23 -9.50
CA CYS A 625 15.33 14.04 -10.34
C CYS A 625 16.48 13.05 -10.32
N TYR A 626 17.69 13.56 -10.13
CA TYR A 626 18.85 12.66 -10.04
C TYR A 626 18.82 11.88 -8.73
N VAL A 627 18.44 12.57 -7.65
CA VAL A 627 18.20 11.92 -6.34
C VAL A 627 17.10 10.87 -6.46
N GLY A 628 15.99 11.24 -7.13
CA GLY A 628 14.88 10.33 -7.32
C GLY A 628 15.34 9.11 -8.08
N SER A 629 16.19 9.32 -9.08
CA SER A 629 16.70 8.26 -9.92
C SER A 629 17.69 7.37 -9.15
N PHE A 630 18.51 7.99 -8.31
CA PHE A 630 19.40 7.24 -7.44
C PHE A 630 18.61 6.35 -6.47
N ALA A 631 17.54 6.90 -5.91
CA ALA A 631 16.67 6.14 -5.01
C ALA A 631 16.12 4.87 -5.67
N ILE A 632 15.57 5.01 -6.87
CA ILE A 632 15.05 3.87 -7.62
C ILE A 632 16.15 2.86 -7.88
N LYS A 633 17.32 3.36 -8.28
CA LYS A 633 18.45 2.49 -8.58
C LYS A 633 18.78 1.59 -7.37
N SER A 634 18.78 2.17 -6.17
CA SER A 634 18.96 1.41 -4.94
C SER A 634 17.77 0.49 -4.63
N LEU A 635 16.58 0.80 -5.13
CA LEU A 635 15.38 -0.03 -4.91
C LEU A 635 15.24 -1.19 -5.92
N ARG A 636 16.03 -1.19 -6.98
CA ARG A 636 15.89 -2.25 -7.99
C ARG A 636 16.18 -3.63 -7.44
N LYS A 637 17.02 -3.68 -6.40
CA LYS A 637 17.36 -4.94 -5.74
C LYS A 637 16.24 -5.49 -4.86
N LEU A 638 15.17 -4.70 -4.61
CA LEU A 638 13.99 -5.16 -3.86
C LEU A 638 13.53 -6.48 -4.41
N THR A 639 13.26 -7.42 -3.51
CA THR A 639 12.68 -8.69 -3.91
C THR A 639 11.25 -8.38 -4.19
N ASP A 640 10.61 -9.26 -4.95
CA ASP A 640 9.18 -9.10 -5.18
C ASP A 640 8.41 -9.07 -3.88
N ASP A 641 8.84 -9.87 -2.91
CA ASP A 641 8.17 -9.90 -1.59
C ASP A 641 8.26 -8.55 -0.89
N GLU A 642 9.46 -7.96 -0.86
CA GLU A 642 9.66 -6.64 -0.26
C GLU A 642 8.90 -5.55 -0.99
N LEU A 643 9.01 -5.57 -2.30
CA LEU A 643 8.32 -4.60 -3.13
C LEU A 643 6.84 -4.63 -2.81
N PHE A 644 6.28 -5.84 -2.77
CA PHE A 644 4.87 -6.02 -2.43
C PHE A 644 4.60 -5.44 -1.05
N GLN A 645 5.46 -5.71 -0.07
CA GLN A 645 5.24 -5.18 1.29
C GLN A 645 5.22 -3.66 1.31
N TYR A 646 5.95 -3.00 0.42
CA TYR A 646 5.97 -1.53 0.41
C TYR A 646 5.16 -0.86 -0.69
N LEU A 647 4.40 -1.63 -1.45
CA LEU A 647 3.83 -1.14 -2.72
C LEU A 647 2.89 0.02 -2.50
N LEU A 648 2.07 -0.10 -1.45
CA LEU A 648 1.06 0.90 -1.15
C LEU A 648 1.72 2.28 -1.03
N GLN A 649 2.83 2.33 -0.29
CA GLN A 649 3.57 3.57 -0.09
C GLN A 649 4.17 4.10 -1.39
N LEU A 650 4.70 3.20 -2.23
CA LEU A 650 5.30 3.62 -3.49
C LEU A 650 4.28 4.25 -4.44
N VAL A 651 3.05 3.78 -4.35
CA VAL A 651 1.98 4.31 -5.18
C VAL A 651 1.61 5.68 -4.67
N GLN A 652 1.56 5.85 -3.36
CA GLN A 652 1.22 7.15 -2.81
C GLN A 652 2.27 8.19 -3.19
N VAL A 653 3.55 7.79 -3.26
CA VAL A 653 4.65 8.68 -3.65
C VAL A 653 4.47 9.26 -5.05
N LEU A 654 3.75 8.57 -5.92
CA LEU A 654 3.51 9.08 -7.25
C LEU A 654 2.81 10.41 -7.16
N LYS A 655 2.03 10.63 -6.10
CA LYS A 655 1.33 11.90 -5.89
C LYS A 655 2.29 13.08 -5.76
N TYR A 656 3.48 12.82 -5.22
CA TYR A 656 4.54 13.84 -5.09
C TYR A 656 5.29 14.14 -6.36
N GLU A 657 5.30 13.22 -7.34
CA GLU A 657 5.96 13.43 -8.63
C GLU A 657 5.51 14.70 -9.34
N SER A 658 6.44 15.28 -10.08
CA SER A 658 6.21 16.55 -10.75
C SER A 658 5.79 16.35 -12.18
N TYR A 659 6.18 15.23 -12.79
CA TYR A 659 5.92 14.97 -14.19
C TYR A 659 5.36 13.58 -14.40
N LEU A 660 4.74 13.36 -15.54
CA LEU A 660 4.03 12.10 -15.76
C LEU A 660 4.97 10.96 -16.02
N ASP A 661 5.93 11.19 -16.89
CA ASP A 661 6.95 10.21 -17.24
C ASP A 661 8.05 10.33 -16.18
N CYS A 662 8.22 9.31 -15.33
CA CYS A 662 9.17 9.40 -14.23
C CYS A 662 9.72 8.07 -13.90
N GLU A 663 10.84 8.03 -13.18
CA GLU A 663 11.54 6.77 -12.95
C GLU A 663 10.72 5.83 -12.07
N LEU A 664 9.99 6.38 -11.11
CA LEU A 664 9.16 5.54 -10.25
C LEU A 664 8.07 4.81 -11.04
N THR A 665 7.37 5.54 -11.91
CA THR A 665 6.32 4.97 -12.73
C THR A 665 6.88 3.87 -13.62
N LYS A 666 8.05 4.11 -14.19
CA LYS A 666 8.69 3.12 -15.06
C LYS A 666 9.09 1.89 -14.26
N PHE A 667 9.58 2.12 -13.05
CA PHE A 667 9.98 1.03 -12.19
C PHE A 667 8.78 0.17 -11.74
N LEU A 668 7.70 0.82 -11.33
CA LEU A 668 6.48 0.12 -10.94
C LEU A 668 5.87 -0.66 -12.10
N LEU A 669 5.79 -0.03 -13.25
CA LEU A 669 5.19 -0.65 -14.42
C LEU A 669 6.06 -1.86 -14.88
N GLY A 670 7.37 -1.71 -14.86
CA GLY A 670 8.25 -2.84 -15.14
C GLY A 670 8.11 -4.04 -14.23
N ARG A 671 8.08 -3.76 -12.93
CA ARG A 671 7.94 -4.82 -11.93
C ARG A 671 6.54 -5.44 -11.99
N ALA A 672 5.53 -4.63 -12.28
CA ALA A 672 4.17 -5.10 -12.42
C ALA A 672 4.00 -6.04 -13.61
N LEU A 673 4.70 -5.72 -14.70
CA LEU A 673 4.60 -6.52 -15.89
C LEU A 673 5.39 -7.80 -15.76
N ALA A 674 6.36 -7.83 -14.83
CA ALA A 674 7.15 -9.03 -14.55
C ALA A 674 6.58 -9.96 -13.47
N ASN A 675 5.58 -9.50 -12.73
CA ASN A 675 5.00 -10.26 -11.65
C ASN A 675 3.54 -9.88 -11.58
N ARG A 676 2.70 -10.86 -11.91
CA ARG A 676 1.25 -10.64 -11.99
C ARG A 676 0.60 -10.25 -10.69
N LYS A 677 1.18 -10.68 -9.58
CA LYS A 677 0.70 -10.28 -8.27
C LYS A 677 0.93 -8.80 -8.03
N ILE A 678 2.14 -8.34 -8.35
CA ILE A 678 2.46 -6.92 -8.28
C ILE A 678 1.53 -6.15 -9.21
N GLY A 679 1.35 -6.65 -10.42
CA GLY A 679 0.47 -5.98 -11.36
C GLY A 679 -0.97 -5.87 -10.83
N HIS A 680 -1.43 -6.94 -10.20
CA HIS A 680 -2.75 -6.99 -9.58
C HIS A 680 -2.94 -5.92 -8.51
N PHE A 681 -2.04 -5.88 -7.53
CA PHE A 681 -2.16 -4.86 -6.47
C PHE A 681 -1.84 -3.42 -6.93
N LEU A 682 -0.89 -3.25 -7.85
CA LEU A 682 -0.69 -1.96 -8.45
C LEU A 682 -1.98 -1.47 -9.09
N PHE A 683 -2.64 -2.35 -9.84
CA PHE A 683 -3.86 -1.96 -10.56
C PHE A 683 -4.90 -1.43 -9.58
N TRP A 684 -5.12 -2.18 -8.52
CA TRP A 684 -6.18 -1.82 -7.60
C TRP A 684 -5.85 -0.58 -6.78
N HIS A 685 -4.58 -0.42 -6.44
CA HIS A 685 -4.20 0.80 -5.73
C HIS A 685 -4.51 2.00 -6.61
N LEU A 686 -4.28 1.88 -7.90
CA LEU A 686 -4.53 2.98 -8.81
C LEU A 686 -6.01 3.20 -9.07
N ARG A 687 -6.71 2.10 -9.37
CA ARG A 687 -8.13 2.15 -9.69
C ARG A 687 -8.94 2.76 -8.54
N SER A 688 -8.50 2.47 -7.32
CA SER A 688 -9.24 2.86 -6.15
C SER A 688 -9.26 4.36 -5.92
N GLU A 689 -8.41 5.11 -6.61
CA GLU A 689 -8.39 6.53 -6.41
C GLU A 689 -8.75 7.36 -7.64
N MET A 690 -9.30 6.72 -8.67
CA MET A 690 -9.69 7.44 -9.87
C MET A 690 -10.75 8.54 -9.61
N HIS A 691 -11.51 8.43 -8.52
CA HIS A 691 -12.50 9.43 -8.11
C HIS A 691 -11.84 10.69 -7.46
N VAL A 692 -10.53 10.68 -7.28
CA VAL A 692 -9.79 11.84 -6.75
C VAL A 692 -9.19 12.68 -7.89
N PRO A 693 -9.78 13.85 -8.18
CA PRO A 693 -9.38 14.54 -9.43
C PRO A 693 -7.89 14.88 -9.56
N SER A 694 -7.22 15.09 -8.43
CA SER A 694 -5.77 15.36 -8.44
C SER A 694 -4.90 14.23 -8.94
N VAL A 695 -5.39 13.00 -8.89
CA VAL A 695 -4.63 11.82 -9.38
C VAL A 695 -5.27 11.02 -10.52
N ALA A 696 -6.52 11.33 -10.88
CA ALA A 696 -7.22 10.60 -11.93
C ALA A 696 -6.41 10.44 -13.21
N LEU A 697 -5.86 11.55 -13.70
CA LEU A 697 -5.07 11.54 -14.92
C LEU A 697 -3.83 10.66 -14.81
N ARG A 698 -2.97 10.94 -13.83
CA ARG A 698 -1.77 10.13 -13.65
C ARG A 698 -2.09 8.65 -13.56
N PHE A 699 -3.04 8.32 -12.70
CA PHE A 699 -3.34 6.91 -12.40
C PHE A 699 -4.01 6.21 -13.57
N GLY A 700 -4.96 6.90 -14.20
CA GLY A 700 -5.53 6.43 -15.46
C GLY A 700 -4.48 6.05 -16.50
N LEU A 701 -3.53 6.95 -16.69
CA LEU A 701 -2.51 6.76 -17.69
C LEU A 701 -1.65 5.57 -17.41
N ILE A 702 -1.27 5.41 -16.15
CA ILE A 702 -0.48 4.24 -15.67
C ILE A 702 -1.27 2.95 -15.91
N MET A 703 -2.55 2.94 -15.56
CA MET A 703 -3.35 1.74 -15.76
C MET A 703 -3.47 1.40 -17.24
N GLU A 704 -3.59 2.40 -18.11
CA GLU A 704 -3.69 2.13 -19.55
C GLU A 704 -2.38 1.47 -20.02
N ALA A 705 -1.26 2.06 -19.64
CA ALA A 705 0.04 1.52 -20.01
C ALA A 705 0.14 0.06 -19.62
N TYR A 706 -0.16 -0.20 -18.34
CA TYR A 706 -0.18 -1.55 -17.81
C TYR A 706 -1.06 -2.47 -18.66
N CYS A 707 -2.28 -2.04 -18.99
CA CYS A 707 -3.18 -2.86 -19.81
C CYS A 707 -2.62 -3.19 -21.19
N ARG A 708 -1.89 -2.26 -21.80
CA ARG A 708 -1.22 -2.52 -23.10
C ARG A 708 -0.21 -3.64 -22.95
N GLY A 709 0.40 -3.73 -21.77
CA GLY A 709 1.37 -4.77 -21.44
C GLY A 709 0.80 -6.11 -21.01
N SER A 710 -0.50 -6.20 -20.71
CA SER A 710 -1.16 -7.50 -20.51
C SER A 710 -2.66 -7.50 -20.82
N THR A 711 -2.97 -7.72 -22.08
CA THR A 711 -4.33 -7.93 -22.57
C THR A 711 -5.09 -9.00 -21.81
N HIS A 712 -4.44 -10.10 -21.47
CA HIS A 712 -5.11 -11.16 -20.75
C HIS A 712 -5.43 -10.79 -19.31
N HIS A 713 -4.49 -10.16 -18.61
CA HIS A 713 -4.79 -9.72 -17.25
C HIS A 713 -5.91 -8.68 -17.21
N MET A 714 -5.97 -7.87 -18.24
CA MET A 714 -7.02 -6.89 -18.41
C MET A 714 -8.41 -7.53 -18.38
N LYS A 715 -8.56 -8.67 -19.03
CA LYS A 715 -9.83 -9.43 -19.01
C LYS A 715 -10.18 -10.00 -17.62
N VAL A 716 -9.17 -10.54 -16.94
CA VAL A 716 -9.28 -11.05 -15.57
C VAL A 716 -9.69 -9.95 -14.61
N LEU A 717 -9.08 -8.78 -14.74
CA LEU A 717 -9.46 -7.62 -13.93
C LEU A 717 -10.83 -7.07 -14.26
N MET A 718 -11.24 -7.13 -15.53
CA MET A 718 -12.62 -6.70 -15.92
C MET A 718 -13.67 -7.54 -15.22
N LYS A 719 -13.36 -8.83 -15.11
CA LYS A 719 -14.26 -9.78 -14.49
C LYS A 719 -14.43 -9.42 -13.02
N GLN A 720 -13.33 -9.05 -12.34
CA GLN A 720 -13.39 -8.50 -10.98
C GLN A 720 -14.21 -7.21 -10.88
N GLY A 721 -13.99 -6.28 -11.81
CA GLY A 721 -14.79 -5.07 -11.90
C GLY A 721 -16.28 -5.36 -12.00
N GLU A 722 -16.65 -6.35 -12.81
CA GLU A 722 -18.06 -6.68 -13.04
C GLU A 722 -18.68 -7.22 -11.77
N ALA A 723 -17.96 -8.08 -11.06
CA ALA A 723 -18.43 -8.53 -9.74
C ALA A 723 -18.64 -7.35 -8.77
N LEU A 724 -17.65 -6.47 -8.67
CA LEU A 724 -17.74 -5.35 -7.75
C LEU A 724 -18.86 -4.38 -8.10
N SER A 725 -19.13 -4.26 -9.40
CA SER A 725 -20.21 -3.41 -9.90
C SER A 725 -21.55 -3.96 -9.44
N LYS A 726 -21.71 -5.28 -9.58
CA LYS A 726 -22.94 -5.94 -9.15
C LYS A 726 -23.09 -5.87 -7.64
N LEU A 727 -22.00 -6.06 -6.90
CA LEU A 727 -22.07 -5.90 -5.44
C LEU A 727 -22.53 -4.48 -4.98
N LYS A 728 -22.06 -3.44 -5.65
CA LYS A 728 -22.45 -2.07 -5.30
C LYS A 728 -23.98 -1.94 -5.49
N ALA A 729 -24.47 -2.42 -6.61
CA ALA A 729 -25.91 -2.35 -6.88
C ALA A 729 -26.68 -3.17 -5.85
N LEU A 730 -26.17 -4.36 -5.55
CA LEU A 730 -26.80 -5.22 -4.56
C LEU A 730 -26.85 -4.54 -3.20
N ASN A 731 -25.76 -3.84 -2.85
CA ASN A 731 -25.65 -3.19 -1.56
C ASN A 731 -26.54 -1.98 -1.46
N ASP A 732 -26.69 -1.25 -2.56
CA ASP A 732 -27.62 -0.13 -2.60
C ASP A 732 -29.01 -0.61 -2.33
N PHE A 733 -29.39 -1.70 -2.99
CA PHE A 733 -30.68 -2.29 -2.76
C PHE A 733 -30.87 -2.60 -1.27
N VAL A 734 -29.88 -3.22 -0.66
CA VAL A 734 -29.95 -3.62 0.76
C VAL A 734 -30.13 -2.41 1.67
N LYS A 735 -29.42 -1.34 1.37
CA LYS A 735 -29.60 -0.09 2.09
C LYS A 735 -31.00 0.48 2.02
N VAL A 736 -31.59 0.42 0.83
CA VAL A 736 -32.97 0.87 0.63
C VAL A 736 -33.94 -0.09 1.34
N SER A 737 -33.81 -1.39 1.11
CA SER A 737 -34.78 -2.37 1.60
C SER A 737 -34.87 -2.44 3.10
N SER A 738 -33.74 -2.40 3.78
CA SER A 738 -33.72 -2.49 5.25
C SER A 738 -34.45 -1.30 5.92
N GLN A 739 -34.63 -0.22 5.16
CA GLN A 739 -35.36 0.94 5.62
C GLN A 739 -36.88 0.75 5.58
N LYS A 740 -37.32 -0.25 4.84
CA LYS A 740 -38.73 -0.47 4.60
C LYS A 740 -39.21 -1.82 5.06
N THR A 741 -38.31 -2.68 5.53
CA THR A 741 -38.71 -4.02 5.85
C THR A 741 -37.78 -4.66 6.89
N THR A 742 -38.13 -5.85 7.36
CA THR A 742 -37.32 -6.52 8.36
C THR A 742 -36.08 -7.09 7.71
N LYS A 743 -35.07 -7.38 8.52
CA LYS A 743 -33.83 -7.96 8.01
C LYS A 743 -34.06 -9.31 7.32
N PRO A 744 -34.90 -10.18 7.91
CA PRO A 744 -35.18 -11.44 7.25
C PRO A 744 -35.74 -11.27 5.85
N GLN A 745 -36.69 -10.36 5.73
CA GLN A 745 -37.30 -10.04 4.45
C GLN A 745 -36.30 -9.48 3.45
N THR A 746 -35.49 -8.51 3.89
CA THR A 746 -34.43 -7.93 3.06
C THR A 746 -33.42 -9.01 2.58
N LYS A 747 -33.07 -9.93 3.47
CA LYS A 747 -32.10 -10.94 3.17
C LYS A 747 -32.66 -11.84 2.10
N GLU A 748 -33.96 -12.13 2.18
CA GLU A 748 -34.63 -12.97 1.20
C GLU A 748 -34.61 -12.27 -0.14
N MET A 749 -34.90 -10.98 -0.15
CA MET A 749 -34.83 -10.19 -1.36
C MET A 749 -33.42 -10.11 -1.94
N MET A 750 -32.41 -9.95 -1.08
CA MET A 750 -31.01 -9.98 -1.48
C MET A 750 -30.67 -11.28 -2.23
N HIS A 751 -31.11 -12.40 -1.67
CA HIS A 751 -30.92 -13.72 -2.26
C HIS A 751 -31.55 -13.83 -3.65
N MET A 752 -32.77 -13.35 -3.78
CA MET A 752 -33.51 -13.41 -5.06
C MET A 752 -32.78 -12.57 -6.10
N CYS A 753 -32.34 -11.39 -5.69
CA CYS A 753 -31.59 -10.51 -6.56
C CYS A 753 -30.34 -11.21 -7.07
N MET A 754 -29.64 -11.88 -6.16
CA MET A 754 -28.41 -12.60 -6.47
C MET A 754 -28.62 -13.77 -7.42
N ARG A 755 -29.80 -14.39 -7.38
CA ARG A 755 -30.04 -15.56 -8.21
C ARG A 755 -30.35 -15.24 -9.67
N GLN A 756 -30.59 -13.96 -9.95
CA GLN A 756 -30.69 -13.51 -11.31
C GLN A 756 -29.46 -13.97 -12.09
N GLU A 757 -29.68 -14.40 -13.32
CA GLU A 757 -28.61 -14.87 -14.20
C GLU A 757 -27.46 -13.87 -14.22
N THR A 758 -27.80 -12.60 -14.39
CA THR A 758 -26.77 -11.59 -14.53
C THR A 758 -25.90 -11.47 -13.31
N TYR A 759 -26.49 -11.59 -12.13
CA TYR A 759 -25.74 -11.56 -10.87
C TYR A 759 -24.94 -12.84 -10.59
N MET A 760 -25.59 -14.01 -10.76
CA MET A 760 -24.92 -15.32 -10.58
C MET A 760 -23.66 -15.38 -11.44
N GLU A 761 -23.80 -14.89 -12.67
CA GLU A 761 -22.72 -14.95 -13.61
C GLU A 761 -21.65 -13.95 -13.27
N ALA A 762 -22.03 -12.73 -12.92
CA ALA A 762 -21.05 -11.68 -12.65
C ALA A 762 -20.25 -11.97 -11.40
N LEU A 763 -20.94 -12.52 -10.41
CA LEU A 763 -20.33 -12.76 -9.12
C LEU A 763 -19.54 -14.06 -9.05
N SER A 764 -19.64 -14.93 -10.07
CA SER A 764 -19.00 -16.22 -9.96
C SER A 764 -17.80 -16.32 -10.86
N HIS A 765 -16.85 -17.16 -10.47
CA HIS A 765 -15.74 -17.59 -11.30
C HIS A 765 -14.78 -16.45 -11.58
N LEU A 766 -14.17 -15.94 -10.52
CA LEU A 766 -13.22 -14.84 -10.63
C LEU A 766 -12.12 -15.03 -9.64
N GLN A 767 -11.00 -14.35 -9.89
CA GLN A 767 -9.95 -14.23 -8.88
C GLN A 767 -10.34 -13.17 -7.84
N SER A 768 -10.09 -13.47 -6.58
CA SER A 768 -10.36 -12.51 -5.55
C SER A 768 -9.48 -11.26 -5.70
N PRO A 769 -10.12 -10.07 -5.73
CA PRO A 769 -9.30 -8.87 -5.64
C PRO A 769 -8.41 -8.81 -4.42
N LEU A 770 -8.81 -9.42 -3.32
CA LEU A 770 -7.98 -9.48 -2.11
C LEU A 770 -6.70 -10.30 -2.23
N ASP A 771 -6.73 -11.33 -3.06
CA ASP A 771 -5.59 -12.19 -3.22
C ASP A 771 -5.84 -12.96 -4.48
N PRO A 772 -5.12 -12.60 -5.57
CA PRO A 772 -5.44 -13.20 -6.85
C PRO A 772 -5.28 -14.73 -6.87
N SER A 773 -4.52 -15.28 -5.93
CA SER A 773 -4.40 -16.73 -5.89
C SER A 773 -5.64 -17.47 -5.34
N THR A 774 -6.50 -16.76 -4.63
CA THR A 774 -7.77 -17.30 -4.18
C THR A 774 -8.79 -17.17 -5.28
N LEU A 775 -9.35 -18.29 -5.73
CA LEU A 775 -10.41 -18.27 -6.73
C LEU A 775 -11.76 -18.28 -6.03
N LEU A 776 -12.61 -17.33 -6.43
CA LEU A 776 -13.99 -17.28 -5.98
C LEU A 776 -14.84 -17.94 -7.06
N GLU A 777 -15.23 -19.19 -6.84
CA GLU A 777 -15.93 -19.96 -7.87
C GLU A 777 -17.44 -19.78 -7.77
N GLU A 778 -18.20 -20.67 -7.14
CA GLU A 778 -19.66 -20.49 -7.16
C GLU A 778 -20.01 -19.73 -5.94
N VAL A 779 -20.57 -18.57 -6.15
CA VAL A 779 -21.12 -17.86 -5.04
C VAL A 779 -22.26 -18.72 -4.55
N CYS A 780 -22.25 -19.02 -3.26
CA CYS A 780 -23.34 -19.77 -2.71
C CYS A 780 -24.12 -18.92 -1.75
N VAL A 781 -25.25 -18.41 -2.24
CA VAL A 781 -26.09 -17.49 -1.51
C VAL A 781 -26.43 -17.94 -0.10
N GLU A 782 -27.46 -18.77 0.02
CA GLU A 782 -28.17 -18.98 1.27
C GLU A 782 -27.35 -18.59 2.49
N GLN A 783 -26.03 -18.61 2.30
CA GLN A 783 -25.04 -18.25 3.27
C GLN A 783 -24.58 -16.79 3.23
N CYS A 784 -25.11 -16.02 2.29
CA CYS A 784 -24.78 -14.62 2.16
C CYS A 784 -25.76 -13.80 3.00
N THR A 785 -25.27 -12.77 3.67
CA THR A 785 -26.13 -11.85 4.37
C THR A 785 -25.50 -10.47 4.36
N PHE A 786 -25.94 -9.60 5.24
CA PHE A 786 -25.35 -8.32 5.38
C PHE A 786 -25.40 -7.88 6.80
N MET A 787 -24.52 -6.99 7.21
CA MET A 787 -24.50 -6.61 8.63
C MET A 787 -25.51 -5.53 8.88
N ASP A 788 -25.81 -5.35 10.15
CA ASP A 788 -26.83 -4.41 10.60
C ASP A 788 -26.36 -3.00 10.78
N SER A 789 -25.26 -2.60 10.18
CA SER A 789 -24.58 -1.39 10.62
C SER A 789 -24.39 -0.32 9.58
N LYS A 790 -25.39 0.53 9.46
CA LYS A 790 -25.33 1.77 8.71
C LYS A 790 -25.21 1.57 7.21
N MET A 791 -24.06 1.12 6.75
CA MET A 791 -23.85 1.02 5.33
C MET A 791 -23.87 -0.44 4.92
N LYS A 792 -24.65 -1.21 5.68
CA LYS A 792 -25.05 -2.57 5.38
C LYS A 792 -24.00 -3.40 4.67
N PRO A 793 -22.85 -3.56 5.32
CA PRO A 793 -21.79 -4.33 4.69
C PRO A 793 -22.24 -5.72 4.33
N LEU A 794 -21.97 -6.10 3.10
CA LEU A 794 -22.32 -7.41 2.61
C LEU A 794 -21.30 -8.48 3.00
N TRP A 795 -21.82 -9.68 3.26
CA TRP A 795 -21.04 -10.84 3.66
C TRP A 795 -21.23 -11.91 2.59
N ILE A 796 -20.28 -12.10 1.68
CA ILE A 796 -20.53 -12.98 0.54
C ILE A 796 -19.68 -14.22 0.60
N MET A 797 -20.31 -15.39 0.48
CA MET A 797 -19.60 -16.64 0.64
C MET A 797 -19.59 -17.44 -0.63
N TYR A 798 -18.50 -18.19 -0.80
CA TYR A 798 -18.20 -18.95 -1.99
C TYR A 798 -17.82 -20.38 -1.66
N SER A 799 -17.94 -21.26 -2.65
CA SER A 799 -17.38 -22.60 -2.53
C SER A 799 -16.83 -22.99 -3.87
N SER A 800 -16.00 -24.02 -3.86
CA SER A 800 -15.38 -24.54 -5.06
C SER A 800 -15.21 -26.03 -4.89
N GLU A 801 -15.93 -26.80 -5.73
CA GLU A 801 -15.82 -28.28 -5.75
C GLU A 801 -14.34 -28.65 -5.85
N GLU A 802 -13.66 -28.03 -6.82
CA GLU A 802 -12.32 -28.40 -7.17
C GLU A 802 -11.32 -28.15 -6.05
N ALA A 803 -11.52 -27.05 -5.32
CA ALA A 803 -10.65 -26.67 -4.18
C ALA A 803 -10.99 -27.36 -2.85
N GLY A 804 -12.19 -27.92 -2.71
CA GLY A 804 -12.59 -28.53 -1.44
C GLY A 804 -12.70 -27.47 -0.36
N SER A 805 -12.27 -27.77 0.85
CA SER A 805 -12.42 -26.84 1.98
C SER A 805 -11.72 -25.51 1.78
N ALA A 806 -10.54 -25.54 1.15
CA ALA A 806 -9.77 -24.32 0.84
C ALA A 806 -10.49 -23.35 -0.08
N GLY A 807 -11.48 -23.85 -0.82
CA GLY A 807 -12.34 -23.03 -1.65
C GLY A 807 -13.52 -22.40 -0.93
N ASN A 808 -13.73 -22.75 0.34
CA ASN A 808 -14.80 -22.17 1.12
C ASN A 808 -14.26 -20.87 1.67
N VAL A 809 -14.54 -19.79 0.95
CA VAL A 809 -13.97 -18.47 1.24
C VAL A 809 -15.03 -17.42 1.19
N GLY A 810 -14.83 -16.40 1.99
CA GLY A 810 -15.82 -15.35 2.20
C GLY A 810 -15.17 -13.99 2.01
N ILE A 811 -15.95 -13.05 1.52
CA ILE A 811 -15.53 -11.68 1.44
C ILE A 811 -16.62 -10.76 2.00
N ILE A 812 -16.16 -9.64 2.53
CA ILE A 812 -17.03 -8.58 2.98
C ILE A 812 -16.91 -7.44 1.99
N PHE A 813 -18.04 -6.97 1.44
CA PHE A 813 -18.07 -5.81 0.58
C PHE A 813 -18.65 -4.67 1.38
N LYS A 814 -17.92 -3.56 1.38
CA LYS A 814 -18.29 -2.41 2.17
C LYS A 814 -18.35 -1.19 1.27
N ASN A 815 -19.41 -0.41 1.40
CA ASN A 815 -19.55 0.76 0.54
C ASN A 815 -20.15 1.90 1.35
N GLY A 816 -19.44 3.01 1.42
CA GLY A 816 -19.80 4.11 2.29
C GLY A 816 -18.80 4.40 3.39
N ASP A 817 -17.91 3.44 3.67
CA ASP A 817 -16.81 3.59 4.64
C ASP A 817 -15.50 3.80 3.87
N ASP A 818 -14.59 4.56 4.47
CA ASP A 818 -13.27 4.74 3.93
C ASP A 818 -12.45 3.56 4.41
N LEU A 819 -12.00 2.71 3.51
CA LEU A 819 -11.19 1.55 3.91
C LEU A 819 -9.68 1.74 4.00
N ARG A 820 -9.23 2.93 3.70
CA ARG A 820 -7.81 3.17 3.56
C ARG A 820 -7.01 3.00 4.85
N GLN A 821 -7.66 3.22 5.98
CA GLN A 821 -6.96 3.21 7.23
C GLN A 821 -6.91 1.84 7.85
N ASP A 822 -7.80 0.97 7.40
CA ASP A 822 -7.71 -0.42 7.79
C ASP A 822 -6.63 -1.08 6.98
N MET A 823 -6.44 -0.61 5.76
CA MET A 823 -5.48 -1.22 4.90
C MET A 823 -4.06 -0.97 5.38
N LEU A 824 -3.79 0.29 5.69
CA LEU A 824 -2.53 0.71 6.26
C LEU A 824 -2.26 -0.05 7.54
N THR A 825 -3.27 -0.09 8.40
CA THR A 825 -3.11 -0.75 9.69
C THR A 825 -2.89 -2.23 9.52
N LEU A 826 -3.76 -2.87 8.78
CA LEU A 826 -3.58 -4.30 8.51
C LEU A 826 -2.24 -4.59 7.82
N GLN A 827 -1.79 -3.64 7.02
CA GLN A 827 -0.49 -3.75 6.36
C GLN A 827 0.66 -3.70 7.37
N MET A 828 0.62 -2.69 8.22
CA MET A 828 1.61 -2.55 9.25
C MET A 828 1.70 -3.81 10.14
N ILE A 829 0.54 -4.33 10.53
CA ILE A 829 0.47 -5.55 11.34
C ILE A 829 1.14 -6.68 10.59
N GLN A 830 0.85 -6.80 9.29
CA GLN A 830 1.53 -7.79 8.46
C GLN A 830 3.04 -7.65 8.52
N LEU A 831 3.53 -6.43 8.44
CA LEU A 831 4.95 -6.16 8.49
C LEU A 831 5.52 -6.51 9.87
N MET A 832 4.85 -6.14 10.95
CA MET A 832 5.28 -6.58 12.28
C MET A 832 5.37 -8.11 12.36
N ASP A 833 4.36 -8.82 11.89
CA ASP A 833 4.37 -10.29 11.85
C ASP A 833 5.61 -10.78 11.12
N VAL A 834 5.93 -10.15 10.00
CA VAL A 834 7.06 -10.55 9.19
C VAL A 834 8.38 -10.29 9.88
N LEU A 835 8.52 -9.11 10.47
CA LEU A 835 9.70 -8.76 11.26
C LEU A 835 9.90 -9.70 12.44
N TRP A 836 8.80 -10.08 13.08
CA TRP A 836 8.89 -11.03 14.20
C TRP A 836 9.31 -12.42 13.69
N LYS A 837 8.72 -12.87 12.59
CA LYS A 837 9.02 -14.19 12.08
C LYS A 837 10.44 -14.29 11.61
N GLN A 838 10.97 -13.19 11.08
CA GLN A 838 12.38 -13.08 10.72
C GLN A 838 13.32 -13.25 11.92
N GLU A 839 12.84 -13.08 13.14
CA GLU A 839 13.59 -13.42 14.35
C GLU A 839 13.08 -14.72 14.98
N GLY A 840 12.40 -15.55 14.20
CA GLY A 840 11.88 -16.81 14.71
C GLY A 840 10.74 -16.73 15.71
N LEU A 841 10.01 -15.61 15.73
CA LEU A 841 8.92 -15.37 16.66
C LEU A 841 7.65 -15.33 15.84
N ASP A 842 6.81 -16.35 15.97
CA ASP A 842 5.55 -16.42 15.25
C ASP A 842 4.47 -16.19 16.30
N LEU A 843 3.91 -14.99 16.35
CA LEU A 843 2.88 -14.65 17.34
C LEU A 843 1.46 -14.98 16.85
N ARG A 844 1.37 -15.84 15.83
CA ARG A 844 0.12 -16.40 15.40
C ARG A 844 -0.89 -15.31 15.04
N MET A 845 -0.39 -14.32 14.28
CA MET A 845 -1.17 -13.14 13.88
C MET A 845 -2.11 -13.47 12.73
N THR A 846 -3.09 -12.61 12.51
CA THR A 846 -4.11 -12.81 11.46
C THR A 846 -4.17 -11.54 10.59
N PRO A 847 -3.17 -11.37 9.73
CA PRO A 847 -3.08 -10.20 8.85
C PRO A 847 -4.04 -10.35 7.64
N TYR A 848 -5.36 -10.27 7.88
CA TYR A 848 -6.34 -10.58 6.84
C TYR A 848 -6.39 -9.48 5.79
N GLY A 849 -6.79 -9.85 4.59
CA GLY A 849 -6.81 -8.94 3.47
C GLY A 849 -7.82 -7.81 3.60
N CYS A 850 -7.40 -6.64 3.14
CA CYS A 850 -8.28 -5.48 3.05
C CYS A 850 -7.85 -4.69 1.83
N LEU A 851 -8.79 -4.32 0.97
CA LEU A 851 -8.45 -3.68 -0.29
C LEU A 851 -9.52 -2.68 -0.72
N PRO A 852 -9.20 -1.37 -0.63
CA PRO A 852 -10.01 -0.36 -1.27
C PRO A 852 -9.96 -0.59 -2.76
N THR A 853 -11.14 -0.57 -3.38
CA THR A 853 -11.30 -0.73 -4.81
C THR A 853 -11.88 0.51 -5.48
N GLY A 854 -12.45 1.43 -4.71
CA GLY A 854 -13.16 2.56 -5.27
C GLY A 854 -13.45 3.62 -4.24
N ASP A 855 -14.35 4.53 -4.60
CA ASP A 855 -14.75 5.62 -3.74
C ASP A 855 -15.51 5.03 -2.55
N ARG A 856 -14.92 5.10 -1.36
CA ARG A 856 -15.49 4.52 -0.15
C ARG A 856 -16.01 3.11 -0.40
N THR A 857 -15.25 2.35 -1.16
CA THR A 857 -15.64 1.00 -1.56
C THR A 857 -14.44 0.09 -1.44
N GLY A 858 -14.68 -1.13 -0.97
CA GLY A 858 -13.62 -2.11 -0.96
C GLY A 858 -14.03 -3.38 -0.30
N LEU A 859 -13.08 -4.30 -0.18
CA LEU A 859 -13.32 -5.65 0.29
C LEU A 859 -12.48 -5.89 1.52
N ILE A 860 -12.99 -6.73 2.42
CA ILE A 860 -12.21 -7.33 3.49
C ILE A 860 -12.34 -8.86 3.37
N GLU A 861 -11.24 -9.56 3.58
CA GLU A 861 -11.23 -11.02 3.60
C GLU A 861 -11.93 -11.51 4.84
N VAL A 862 -12.83 -12.46 4.69
CA VAL A 862 -13.43 -13.09 5.87
C VAL A 862 -12.41 -14.07 6.46
N VAL A 863 -12.20 -14.01 7.75
CA VAL A 863 -11.48 -15.07 8.48
C VAL A 863 -12.56 -16.00 9.02
N LEU A 864 -12.68 -17.22 8.46
CA LEU A 864 -13.78 -18.12 8.84
C LEU A 864 -13.51 -18.74 10.18
N HIS A 865 -14.55 -19.31 10.78
CA HIS A 865 -14.46 -20.04 12.07
C HIS A 865 -13.84 -19.12 13.13
N SER A 866 -14.41 -17.93 13.19
CA SER A 866 -14.03 -16.96 14.17
C SER A 866 -15.28 -16.21 14.53
N ASP A 867 -15.30 -15.71 15.75
CA ASP A 867 -16.40 -14.86 16.17
C ASP A 867 -15.86 -13.76 17.04
N THR A 868 -16.69 -12.74 17.26
CA THR A 868 -16.32 -11.63 18.11
C THR A 868 -16.35 -12.08 19.56
N ILE A 869 -15.42 -11.54 20.36
CA ILE A 869 -15.44 -11.64 21.82
C ILE A 869 -16.87 -11.32 22.32
N ALA A 870 -17.43 -10.21 21.85
CA ALA A 870 -18.77 -9.79 22.29
C ALA A 870 -19.72 -10.96 22.12
N ASN A 871 -19.71 -11.54 20.95
CA ASN A 871 -20.64 -12.61 20.61
C ASN A 871 -20.52 -13.83 21.48
N ILE A 872 -19.31 -14.15 21.87
CA ILE A 872 -19.05 -15.29 22.70
C ILE A 872 -19.45 -14.95 24.10
N GLN A 873 -19.22 -13.71 24.50
CA GLN A 873 -19.79 -13.37 25.77
C GLN A 873 -21.30 -13.29 25.46
N LEU A 874 -21.96 -14.45 25.38
CA LEU A 874 -23.35 -14.54 24.92
C LEU A 874 -24.28 -14.78 26.11
N THR A 882 -22.35 -22.57 28.03
CA THR A 882 -23.01 -21.81 29.09
C THR A 882 -22.14 -21.67 30.36
N ALA A 883 -21.90 -20.41 30.77
CA ALA A 883 -21.07 -20.10 31.95
C ALA A 883 -21.79 -19.30 33.06
N ALA A 884 -21.46 -19.68 34.29
CA ALA A 884 -21.99 -19.03 35.49
C ALA A 884 -21.38 -17.64 35.63
N PHE A 885 -20.12 -17.51 35.27
CA PHE A 885 -19.42 -16.25 35.40
C PHE A 885 -18.86 -15.88 34.06
N ASN A 886 -19.05 -14.61 33.71
CA ASN A 886 -18.81 -14.14 32.36
C ASN A 886 -17.35 -14.25 31.95
N LYS A 887 -16.44 -14.07 32.91
CA LYS A 887 -15.01 -14.30 32.71
C LYS A 887 -14.66 -15.68 32.12
N ASP A 888 -15.50 -16.67 32.37
CA ASP A 888 -15.24 -18.01 31.87
C ASP A 888 -15.83 -18.28 30.51
N ALA A 889 -16.64 -17.38 29.98
CA ALA A 889 -17.30 -17.62 28.69
C ALA A 889 -16.27 -17.89 27.59
N LEU A 890 -15.21 -17.07 27.61
CA LEU A 890 -14.15 -17.13 26.61
C LEU A 890 -13.44 -18.48 26.60
N LEU A 891 -12.95 -18.85 27.77
CA LEU A 891 -12.27 -20.11 27.97
C LEU A 891 -13.20 -21.29 27.76
N ASN A 892 -14.46 -21.21 28.18
CA ASN A 892 -15.43 -22.30 27.92
C ASN A 892 -15.61 -22.53 26.44
N TRP A 893 -15.67 -21.43 25.71
CA TRP A 893 -15.83 -21.50 24.26
C TRP A 893 -14.61 -22.20 23.68
N LEU A 894 -13.42 -21.77 24.10
CA LEU A 894 -12.20 -22.39 23.64
C LEU A 894 -12.14 -23.84 23.97
N LYS A 895 -12.60 -24.22 25.16
CA LYS A 895 -12.63 -25.63 25.59
C LYS A 895 -13.52 -26.46 24.68
N SER A 896 -14.67 -25.89 24.34
CA SER A 896 -15.64 -26.53 23.47
C SER A 896 -15.13 -26.78 22.06
N LYS A 897 -14.37 -25.83 21.51
CA LYS A 897 -13.80 -25.95 20.17
C LYS A 897 -12.46 -26.71 20.16
N ASN A 898 -11.87 -26.93 21.33
CA ASN A 898 -10.58 -27.62 21.45
C ASN A 898 -10.60 -28.66 22.56
N PRO A 899 -11.33 -29.78 22.35
CA PRO A 899 -11.49 -30.76 23.41
C PRO A 899 -10.18 -31.40 23.82
N GLY A 900 -10.15 -31.86 25.07
CA GLY A 900 -9.03 -32.62 25.59
C GLY A 900 -7.70 -31.92 25.48
N GLU A 901 -6.72 -32.60 24.91
CA GLU A 901 -5.35 -32.12 24.95
C GLU A 901 -5.13 -31.04 23.88
N ALA A 902 -6.11 -30.82 23.00
CA ALA A 902 -6.10 -29.70 22.05
C ALA A 902 -6.14 -28.31 22.71
N LEU A 903 -6.68 -28.22 23.92
CA LEU A 903 -6.86 -26.94 24.61
C LEU A 903 -5.55 -26.23 24.86
N ASP A 904 -4.52 -26.94 25.32
CA ASP A 904 -3.26 -26.28 25.67
C ASP A 904 -2.65 -25.57 24.46
N ARG A 905 -2.81 -26.13 23.26
CA ARG A 905 -2.32 -25.48 22.03
C ARG A 905 -3.07 -24.17 21.79
N ALA A 906 -4.40 -24.22 21.92
CA ALA A 906 -5.28 -23.06 21.73
C ALA A 906 -4.93 -21.95 22.73
N ILE A 907 -4.66 -22.32 23.97
CA ILE A 907 -4.31 -21.33 24.97
C ILE A 907 -2.97 -20.68 24.61
N GLU A 908 -2.05 -21.47 24.05
CA GLU A 908 -0.76 -20.95 23.59
C GLU A 908 -0.94 -20.00 22.40
N GLU A 909 -1.79 -20.39 21.45
CA GLU A 909 -2.11 -19.54 20.30
C GLU A 909 -2.73 -18.22 20.73
N PHE A 910 -3.67 -18.30 21.68
CA PHE A 910 -4.30 -17.13 22.26
C PHE A 910 -3.27 -16.23 22.91
N THR A 911 -2.37 -16.84 23.68
CA THR A 911 -1.38 -16.07 24.43
C THR A 911 -0.42 -15.29 23.53
N LEU A 912 0.10 -15.98 22.51
CA LEU A 912 1.06 -15.39 21.54
C LEU A 912 0.38 -14.30 20.72
N SER A 913 -0.81 -14.61 20.21
CA SER A 913 -1.53 -13.63 19.41
C SER A 913 -1.92 -12.42 20.25
N CYS A 914 -2.33 -12.66 21.49
CA CYS A 914 -2.67 -11.57 22.41
C CYS A 914 -1.47 -10.66 22.59
N ALA A 915 -0.31 -11.25 22.80
CA ALA A 915 0.95 -10.50 22.90
C ALA A 915 1.25 -9.65 21.66
N GLY A 916 1.15 -10.30 20.51
CA GLY A 916 1.23 -9.59 19.25
C GLY A 916 0.31 -8.39 19.15
N TYR A 917 -0.99 -8.61 19.35
CA TYR A 917 -1.91 -7.51 19.15
C TYR A 917 -1.87 -6.46 20.26
N CYS A 918 -1.56 -6.86 21.49
CA CYS A 918 -1.28 -5.92 22.57
C CYS A 918 -0.20 -4.92 22.17
N VAL A 919 0.92 -5.44 21.64
CA VAL A 919 2.06 -4.62 21.23
C VAL A 919 1.72 -3.78 20.00
N ALA A 920 1.10 -4.43 19.02
CA ALA A 920 0.79 -3.77 17.75
C ALA A 920 -0.13 -2.59 17.99
N THR A 921 -1.17 -2.79 18.80
CA THR A 921 -2.15 -1.73 19.02
C THR A 921 -1.59 -0.62 19.88
N TYR A 922 -0.69 -0.97 20.80
CA TYR A 922 -0.01 0.04 21.60
C TYR A 922 0.85 0.93 20.70
N VAL A 923 1.69 0.30 19.87
CA VAL A 923 2.65 1.00 19.03
C VAL A 923 1.93 1.87 18.00
N LEU A 924 0.88 1.33 17.40
CA LEU A 924 0.08 2.02 16.38
C LEU A 924 -0.96 3.00 16.95
N GLY A 925 -1.14 2.97 18.26
CA GLY A 925 -2.02 3.91 18.91
C GLY A 925 -3.45 3.68 18.51
N ILE A 926 -3.82 2.42 18.47
CA ILE A 926 -5.15 2.02 18.09
C ILE A 926 -5.98 1.92 19.34
N GLY A 927 -6.83 2.93 19.50
CA GLY A 927 -7.77 2.98 20.62
C GLY A 927 -9.13 2.45 20.24
N ASP A 928 -10.09 2.68 21.13
CA ASP A 928 -11.48 2.25 20.97
C ASP A 928 -11.54 0.73 20.74
N ARG A 929 -10.73 0.00 21.46
CA ARG A 929 -10.79 -1.43 21.34
C ARG A 929 -11.84 -1.85 22.34
N HIS A 930 -12.74 -2.72 21.90
CA HIS A 930 -13.78 -3.28 22.74
C HIS A 930 -14.16 -4.65 22.18
N SER A 931 -15.12 -5.31 22.82
CA SER A 931 -15.33 -6.70 22.55
C SER A 931 -15.99 -6.93 21.19
N ASP A 932 -16.58 -5.91 20.58
CA ASP A 932 -17.11 -6.07 19.22
C ASP A 932 -16.08 -6.03 18.13
N ASN A 933 -14.89 -5.49 18.41
CA ASN A 933 -13.85 -5.38 17.36
C ASN A 933 -12.60 -6.21 17.66
N ILE A 934 -12.73 -7.12 18.62
CA ILE A 934 -11.73 -8.14 18.87
C ILE A 934 -12.42 -9.48 18.62
N MET A 935 -11.78 -10.36 17.87
CA MET A 935 -12.34 -11.64 17.51
C MET A 935 -11.39 -12.71 17.98
N ILE A 936 -11.86 -13.95 18.04
CA ILE A 936 -10.99 -15.08 18.25
C ILE A 936 -11.32 -16.17 17.26
N ARG A 937 -10.29 -16.92 16.89
CA ARG A 937 -10.45 -18.08 16.03
C ARG A 937 -10.65 -19.30 16.86
N GLU A 938 -11.27 -20.32 16.29
CA GLU A 938 -11.49 -21.59 17.00
C GLU A 938 -10.16 -22.24 17.39
N SER A 939 -9.10 -21.93 16.64
CA SER A 939 -7.71 -22.31 16.97
C SER A 939 -7.17 -21.70 18.24
N GLY A 940 -7.83 -20.63 18.71
CA GLY A 940 -7.45 -19.90 19.91
C GLY A 940 -6.91 -18.52 19.64
N GLN A 941 -6.54 -18.25 18.39
CA GLN A 941 -5.86 -17.00 18.03
C GLN A 941 -6.81 -15.82 18.13
N LEU A 942 -6.38 -14.78 18.84
CA LEU A 942 -7.09 -13.53 18.97
C LEU A 942 -6.66 -12.56 17.87
N PHE A 943 -7.60 -11.77 17.36
CA PHE A 943 -7.27 -10.72 16.38
C PHE A 943 -8.22 -9.56 16.40
N HIS A 944 -7.84 -8.49 15.71
CA HIS A 944 -8.57 -7.24 15.70
C HIS A 944 -9.13 -6.90 14.32
N ILE A 945 -10.30 -6.26 14.35
CA ILE A 945 -11.05 -5.86 13.17
C ILE A 945 -11.42 -4.38 13.37
N ASP A 946 -11.90 -3.68 12.35
CA ASP A 946 -12.40 -2.32 12.53
C ASP A 946 -11.39 -1.33 13.08
N PHE A 947 -10.28 -1.14 12.40
CA PHE A 947 -9.31 -0.16 12.86
C PHE A 947 -9.75 1.20 12.34
N GLY A 948 -10.58 1.87 13.12
CA GLY A 948 -11.11 3.19 12.78
C GLY A 948 -10.23 4.35 13.20
N HIS A 949 -9.55 4.22 14.34
CA HIS A 949 -8.86 5.36 14.91
C HIS A 949 -7.53 4.97 15.51
N PHE A 950 -6.51 4.88 14.66
CA PHE A 950 -5.13 4.66 15.14
C PHE A 950 -4.46 5.97 15.65
N LEU A 951 -3.13 5.94 15.79
CA LEU A 951 -2.34 7.02 16.36
C LEU A 951 -2.99 7.85 17.46
N GLY A 952 -3.13 7.24 18.63
CA GLY A 952 -3.84 7.86 19.72
C GLY A 952 -5.11 8.62 19.36
N ASN A 953 -5.28 8.95 18.08
CA ASN A 953 -6.39 9.73 17.54
C ASN A 953 -7.71 8.98 17.72
N ARG A 962 -6.98 13.47 20.10
CA ARG A 962 -5.70 12.76 20.18
C ARG A 962 -5.42 12.51 21.65
N GLU A 963 -5.57 11.25 22.08
CA GLU A 963 -5.11 10.85 23.41
C GLU A 963 -3.72 10.22 23.27
N ARG A 964 -3.32 9.43 24.25
CA ARG A 964 -2.09 8.71 24.15
C ARG A 964 -2.53 7.39 24.68
N VAL A 965 -3.09 6.60 23.79
CA VAL A 965 -3.68 5.33 24.16
C VAL A 965 -2.66 4.50 24.91
N PRO A 966 -3.04 4.07 26.12
CA PRO A 966 -2.17 3.24 26.92
C PRO A 966 -2.08 1.82 26.37
N PHE A 967 -1.10 1.10 26.85
CA PHE A 967 -1.03 -0.32 26.63
C PHE A 967 -2.29 -0.91 27.28
N ILE A 968 -2.92 -1.91 26.67
CA ILE A 968 -4.16 -2.47 27.23
C ILE A 968 -4.04 -3.97 27.55
N LEU A 969 -4.34 -4.33 28.80
CA LEU A 969 -4.57 -5.73 29.18
C LEU A 969 -6.01 -5.88 29.67
N THR A 970 -6.74 -6.79 29.06
CA THR A 970 -8.12 -7.07 29.46
C THR A 970 -8.13 -8.27 30.37
N TYR A 971 -8.87 -8.13 31.47
CA TYR A 971 -8.96 -9.19 32.48
C TYR A 971 -9.39 -10.54 31.90
N ASP A 972 -10.38 -10.50 31.02
CA ASP A 972 -10.86 -11.72 30.35
C ASP A 972 -9.74 -12.45 29.60
N PHE A 973 -8.81 -11.68 29.03
CA PHE A 973 -7.68 -12.22 28.30
C PHE A 973 -6.62 -12.73 29.26
N VAL A 974 -6.29 -11.96 30.29
CA VAL A 974 -5.34 -12.48 31.28
C VAL A 974 -5.81 -13.82 31.89
N HIS A 975 -7.11 -13.90 32.13
CA HIS A 975 -7.73 -15.11 32.70
C HIS A 975 -7.46 -16.35 31.85
N VAL A 976 -7.60 -16.21 30.53
CA VAL A 976 -7.37 -17.31 29.58
C VAL A 976 -5.88 -17.66 29.54
N ILE A 977 -5.03 -16.64 29.44
CA ILE A 977 -3.59 -16.82 29.41
C ILE A 977 -3.16 -17.64 30.61
N GLN A 978 -3.75 -17.35 31.76
CA GLN A 978 -3.44 -18.06 33.00
C GLN A 978 -4.23 -19.38 33.17
N GLN A 979 -4.81 -19.90 32.09
CA GLN A 979 -5.53 -21.19 32.10
C GLN A 979 -6.74 -21.22 32.98
N GLY A 980 -7.41 -20.09 33.15
CA GLY A 980 -8.55 -20.01 34.06
C GLY A 980 -8.20 -20.04 35.54
N LYS A 981 -6.94 -19.77 35.88
CA LYS A 981 -6.51 -19.70 37.27
C LYS A 981 -6.38 -18.22 37.70
N THR A 982 -6.75 -17.94 38.96
CA THR A 982 -6.50 -16.64 39.60
C THR A 982 -5.03 -16.29 39.59
N ASN A 983 -4.19 -17.23 40.01
CA ASN A 983 -2.75 -17.02 40.03
C ASN A 983 -2.02 -18.06 39.18
N ASN A 984 -1.18 -17.55 38.29
CA ASN A 984 -0.35 -18.40 37.43
C ASN A 984 0.78 -17.56 36.87
N SER A 985 1.75 -17.21 37.71
CA SER A 985 2.81 -16.30 37.29
C SER A 985 3.75 -16.99 36.29
N GLU A 986 3.86 -18.31 36.31
CA GLU A 986 4.62 -18.98 35.25
C GLU A 986 4.06 -18.63 33.84
N LYS A 987 2.74 -18.79 33.63
CA LYS A 987 2.17 -18.49 32.32
C LYS A 987 2.18 -16.98 32.09
N PHE A 988 1.90 -16.20 33.12
CA PHE A 988 1.80 -14.74 32.94
C PHE A 988 3.13 -14.11 32.59
N GLU A 989 4.21 -14.53 33.22
CA GLU A 989 5.48 -13.83 33.01
C GLU A 989 6.06 -14.36 31.71
N ARG A 990 5.57 -15.49 31.20
CA ARG A 990 5.96 -15.89 29.86
C ARG A 990 5.33 -14.89 28.92
N PHE A 991 4.02 -14.73 29.04
CA PHE A 991 3.28 -13.75 28.25
C PHE A 991 3.98 -12.40 28.26
N ARG A 992 4.43 -11.95 29.43
CA ARG A 992 5.13 -10.69 29.55
C ARG A 992 6.44 -10.72 28.76
N GLY A 993 7.08 -11.89 28.71
CA GLY A 993 8.26 -12.07 27.86
C GLY A 993 7.98 -11.94 26.37
N TYR A 994 6.93 -12.61 25.91
CA TYR A 994 6.52 -12.48 24.52
C TYR A 994 6.32 -11.01 24.13
N CYS A 995 5.58 -10.28 24.95
CA CYS A 995 5.30 -8.87 24.68
C CYS A 995 6.57 -8.05 24.55
N GLU A 996 7.47 -8.24 25.50
CA GLU A 996 8.72 -7.46 25.52
C GLU A 996 9.58 -7.79 24.30
N ARG A 997 9.66 -9.08 23.93
CA ARG A 997 10.45 -9.48 22.76
C ARG A 997 9.91 -8.83 21.51
N ALA A 998 8.60 -8.98 21.31
CA ALA A 998 7.91 -8.36 20.19
C ALA A 998 8.18 -6.85 20.14
N TYR A 999 8.11 -6.19 21.29
CA TYR A 999 8.27 -4.74 21.36
C TYR A 999 9.70 -4.34 20.99
N THR A 1000 10.67 -5.06 21.51
CA THR A 1000 12.08 -4.70 21.25
C THR A 1000 12.48 -4.98 19.78
N ILE A 1001 11.94 -6.03 19.16
CA ILE A 1001 12.20 -6.28 17.74
C ILE A 1001 11.67 -5.14 16.86
N LEU A 1002 10.46 -4.67 17.15
CA LEU A 1002 9.89 -3.57 16.42
C LEU A 1002 10.76 -2.31 16.51
N ARG A 1003 11.24 -1.99 17.71
CA ARG A 1003 12.13 -0.82 17.91
C ARG A 1003 13.37 -0.86 17.03
N ARG A 1004 13.89 -2.05 16.82
CA ARG A 1004 15.06 -2.21 15.99
C ARG A 1004 14.78 -1.90 14.54
N HIS A 1005 13.53 -2.01 14.12
CA HIS A 1005 13.09 -1.60 12.80
C HIS A 1005 12.27 -0.32 12.86
N GLY A 1006 12.51 0.48 13.89
CA GLY A 1006 11.78 1.72 14.06
C GLY A 1006 11.86 2.63 12.86
N LEU A 1007 13.04 2.75 12.26
CA LEU A 1007 13.19 3.61 11.10
C LEU A 1007 12.39 3.10 9.91
N LEU A 1008 12.19 1.78 9.79
CA LEU A 1008 11.38 1.23 8.68
C LEU A 1008 9.96 1.73 8.81
N PHE A 1009 9.40 1.63 10.01
CA PHE A 1009 8.07 2.18 10.31
C PHE A 1009 8.00 3.68 10.05
N LEU A 1010 8.99 4.44 10.51
CA LEU A 1010 8.99 5.88 10.27
C LEU A 1010 9.10 6.23 8.81
N HIS A 1011 9.97 5.54 8.07
CA HIS A 1011 10.11 5.86 6.65
C HIS A 1011 8.81 5.53 5.92
N LEU A 1012 8.17 4.42 6.28
CA LEU A 1012 6.93 4.04 5.60
C LEU A 1012 5.79 5.02 5.92
N PHE A 1013 5.66 5.40 7.16
CA PHE A 1013 4.62 6.36 7.53
C PHE A 1013 4.88 7.72 6.94
N ALA A 1014 6.14 8.09 6.82
CA ALA A 1014 6.52 9.34 6.14
C ALA A 1014 5.99 9.41 4.73
N LEU A 1015 6.11 8.33 3.99
CA LEU A 1015 5.65 8.28 2.60
C LEU A 1015 4.12 8.27 2.55
N MET A 1016 3.50 7.69 3.58
CA MET A 1016 2.04 7.65 3.69
C MET A 1016 1.40 8.94 3.97
N ARG A 1017 2.15 9.91 4.45
CA ARG A 1017 1.64 11.29 4.51
C ARG A 1017 1.15 11.82 3.15
N ALA A 1018 1.68 11.30 2.06
CA ALA A 1018 1.19 11.65 0.72
C ALA A 1018 -0.32 11.35 0.54
N ALA A 1019 -0.84 10.36 1.26
CA ALA A 1019 -2.15 9.78 0.97
C ALA A 1019 -3.39 10.60 1.40
N GLY A 1020 -3.19 11.61 2.25
CA GLY A 1020 -4.26 12.45 2.72
C GLY A 1020 -5.21 11.77 3.68
N LEU A 1021 -4.73 10.75 4.37
CA LEU A 1021 -5.51 10.13 5.42
C LEU A 1021 -5.63 11.16 6.53
N PRO A 1022 -6.86 11.36 7.03
CA PRO A 1022 -7.04 12.45 7.98
C PRO A 1022 -6.28 12.27 9.27
N GLU A 1023 -5.91 11.04 9.60
CA GLU A 1023 -5.23 10.77 10.85
C GLU A 1023 -3.74 10.54 10.63
N LEU A 1024 -3.26 10.77 9.42
CA LEU A 1024 -1.84 10.80 9.16
C LEU A 1024 -1.56 11.98 8.28
N SER A 1025 -1.54 13.16 8.90
CA SER A 1025 -1.50 14.43 8.17
C SER A 1025 -0.33 15.32 8.48
N CYS A 1026 0.38 15.06 9.58
CA CYS A 1026 1.30 16.04 10.13
C CYS A 1026 2.39 15.38 10.97
N SER A 1027 3.28 16.23 11.50
CA SER A 1027 4.36 15.81 12.39
C SER A 1027 3.86 15.16 13.67
N LYS A 1028 2.79 15.69 14.24
CA LYS A 1028 2.26 15.13 15.50
C LYS A 1028 1.92 13.64 15.36
N ASP A 1029 1.50 13.23 14.18
CA ASP A 1029 1.16 11.83 13.90
C ASP A 1029 2.39 10.94 13.81
N ILE A 1030 3.41 11.40 13.07
CA ILE A 1030 4.70 10.71 13.00
C ILE A 1030 5.35 10.65 14.38
N GLN A 1031 5.21 11.75 15.14
CA GLN A 1031 5.72 11.84 16.51
C GLN A 1031 5.17 10.74 17.41
N TYR A 1032 3.89 10.38 17.17
CA TYR A 1032 3.23 9.37 17.97
C TYR A 1032 4.01 8.08 17.91
N LEU A 1033 4.41 7.68 16.69
CA LEU A 1033 5.21 6.48 16.48
C LEU A 1033 6.57 6.57 17.13
N LYS A 1034 7.27 7.69 16.90
CA LYS A 1034 8.54 7.98 17.57
C LYS A 1034 8.43 7.70 19.06
N ASP A 1035 7.42 8.27 19.71
CA ASP A 1035 7.21 8.10 21.16
C ASP A 1035 6.81 6.69 21.57
N SER A 1036 5.92 6.05 20.83
CA SER A 1036 5.45 4.70 21.19
C SER A 1036 6.57 3.66 21.03
N LEU A 1037 7.45 3.85 20.05
CA LEU A 1037 8.64 2.99 19.90
C LEU A 1037 9.81 3.52 20.72
N ALA A 1038 9.61 4.63 21.43
CA ALA A 1038 10.62 5.26 22.26
C ALA A 1038 11.96 5.29 21.55
N LEU A 1039 11.98 5.82 20.33
CA LEU A 1039 13.16 5.73 19.48
C LEU A 1039 14.27 6.65 19.93
N GLY A 1040 13.93 7.69 20.71
CA GLY A 1040 14.94 8.54 21.35
C GLY A 1040 15.71 7.97 22.54
N LYS A 1041 15.53 6.69 22.86
CA LYS A 1041 16.16 6.07 24.04
C LYS A 1041 17.13 4.96 23.65
N THR A 1042 17.88 4.49 24.64
CA THR A 1042 18.65 3.25 24.51
C THR A 1042 17.65 2.13 24.65
N GLU A 1043 18.03 0.94 24.24
CA GLU A 1043 17.11 -0.17 24.35
C GLU A 1043 16.63 -0.24 25.79
N GLU A 1044 17.60 -0.35 26.68
CA GLU A 1044 17.36 -0.44 28.09
C GLU A 1044 16.35 0.53 28.58
N GLU A 1045 16.65 1.80 28.44
CA GLU A 1045 15.69 2.80 28.87
C GLU A 1045 14.32 2.48 28.30
N ALA A 1046 14.26 2.24 26.99
CA ALA A 1046 13.00 1.92 26.34
C ALA A 1046 12.24 0.76 26.98
N LEU A 1047 12.95 -0.30 27.37
CA LEU A 1047 12.32 -1.47 27.96
C LEU A 1047 11.81 -1.20 29.38
N LYS A 1048 12.54 -0.37 30.11
CA LYS A 1048 12.09 0.03 31.45
C LYS A 1048 10.80 0.84 31.36
N HIS A 1049 10.83 1.82 30.47
CA HIS A 1049 9.67 2.63 30.08
C HIS A 1049 8.48 1.74 29.73
N PHE A 1050 8.71 0.83 28.77
CA PHE A 1050 7.69 -0.14 28.39
C PHE A 1050 7.15 -0.92 29.60
N ARG A 1051 8.04 -1.27 30.52
CA ARG A 1051 7.64 -2.06 31.70
C ARG A 1051 6.69 -1.32 32.63
N VAL A 1052 6.93 -0.01 32.78
CA VAL A 1052 6.04 0.85 33.55
C VAL A 1052 4.64 0.84 32.95
N LYS A 1053 4.59 1.00 31.63
CA LYS A 1053 3.36 1.01 30.84
C LYS A 1053 2.61 -0.32 30.95
N PHE A 1054 3.36 -1.42 30.85
CA PHE A 1054 2.82 -2.79 30.98
C PHE A 1054 2.20 -2.99 32.35
N ASN A 1055 2.97 -2.58 33.37
CA ASN A 1055 2.53 -2.69 34.77
C ASN A 1055 1.34 -1.77 35.02
N GLU A 1056 1.42 -0.60 34.41
CA GLU A 1056 0.34 0.36 34.36
C GLU A 1056 -0.95 -0.33 33.94
N ALA A 1057 -0.88 -0.98 32.78
CA ALA A 1057 -2.01 -1.67 32.14
C ALA A 1057 -2.54 -2.83 32.98
N LEU A 1058 -1.63 -3.49 33.69
CA LEU A 1058 -1.96 -4.61 34.52
C LEU A 1058 -2.83 -4.20 35.70
N ARG A 1059 -2.43 -3.10 36.34
CA ARG A 1059 -3.20 -2.48 37.44
C ARG A 1059 -4.59 -2.11 36.97
N GLU A 1060 -4.64 -1.49 35.80
CA GLU A 1060 -5.90 -1.09 35.20
C GLU A 1060 -6.85 -2.26 34.99
N SER A 1061 -6.29 -3.45 34.75
CA SER A 1061 -7.06 -4.68 34.60
C SER A 1061 -7.18 -5.45 35.91
N TRP A 1062 -8.22 -5.13 36.66
CA TRP A 1062 -8.52 -5.79 37.97
C TRP A 1062 -8.71 -7.30 37.85
OAX 8WH B . -25.87 -9.49 12.80
CBB 8WH B . -25.69 -9.92 11.65
OBC 8WH B . -26.64 -9.96 10.88
CBA 8WH B . -24.43 -10.36 11.22
CAZ 8WH B . -23.32 -10.34 12.08
CBF 8WH B . -24.29 -10.85 9.91
CBE 8WH B . -23.07 -11.27 9.46
CBD 8WH B . -21.97 -11.25 10.32
CAY 8WH B . -22.07 -10.77 11.62
CAW 8WH B . -20.93 -10.79 12.47
NAV 8WH B . -19.71 -9.94 12.05
CAU 8WH B . -19.65 -8.61 11.86
NAR 8WH B . -18.56 -10.42 11.88
NAQ 8WH B . -17.80 -9.59 11.60
CAP 8WH B . -18.41 -8.41 11.55
CAO 8WH B . -17.80 -7.25 11.28
CAM 8WH B . -16.51 -7.20 10.74
NAK 8WH B . -15.82 -8.37 10.43
CAT 8WH B . -18.44 -6.05 11.57
CAS 8WH B . -17.82 -4.83 11.31
CAN 8WH B . -16.55 -4.79 10.79
CAL 8WH B . -15.89 -5.97 10.51
CAJ 8WH B . -14.61 -5.95 9.97
OAI 8WH B . -14.02 -4.90 9.74
CAG 8WH B . -13.94 -7.11 9.67
CAH 8WH B . -14.53 -8.35 9.90
NAE 8WH B . -13.89 -9.50 9.64
CAF 8WH B . -14.61 -10.77 9.87
CAC 8WH B . -13.63 -11.78 10.28
OAB 8WH B . -12.67 -11.86 9.20
CAA 8WH B . -11.76 -10.76 9.20
CAD 8WH B . -12.54 -9.52 9.11
#